data_8HOU
#
_entry.id   8HOU
#
_cell.length_a   58.592
_cell.length_b   147.608
_cell.length_c   64.764
_cell.angle_alpha   90.00
_cell.angle_beta   100.03
_cell.angle_gamma   90.00
#
_symmetry.space_group_name_H-M   'P 1 21 1'
#
loop_
_entity.id
_entity.type
_entity.pdbx_description
1 polymer 'Bifunctional cytochrome P450/NADPH--P450 reductase'
2 polymer Im-N-C4-Phe-Phe
3 non-polymer 'PROTOPORPHYRIN IX CONTAINING FE'
4 water water
#
loop_
_entity_poly.entity_id
_entity_poly.type
_entity_poly.pdbx_seq_one_letter_code
_entity_poly.pdbx_strand_id
1 'polypeptide(L)'
;GMTIKEMPQPKTFGELKNLPLLNTDKPVQALMKIADELGEIFKFEAPGRVTRYLSSQRLIKEACDESRFDKNLSQALKFV
RDFAGDGLATSWTHEKNWKKAHNILLPSFSQQAMKGYHAMMVDIAVQLVQKWERLNADEHIEVPEDMTRLTLDTIGLCGF
NYRFNSFYRDQPHPFITSMVRALDEAMNKLQRANPDDPAYDENKRQFQEDIKVMNDLVDKIIADRKASGEQSDDLLTHML
NGKDPETGEPLDDENIRYQIITFLIAGHEVTSGLLSFALYFLVKNPHVLQKAAEEAARVLVDPVPSYKQVKQLKYVGMVL
NEALRLWPTAPAFSLYAKEDTVLGGEYPLEKGDELMVLIPQLHRDKTIWGDDVEEFRPERFENPSAIPQHAFKPFGNGQR
ACIGQQFALHEATLVLGMMLKHFDFEDHTNYELDIKETLTLKPEGFVVKAKSKKIPLLEHHHHHH
;
A,B
2 'polypeptide(L)' (LXO)FF C,D
#
loop_
_chem_comp.id
_chem_comp.type
_chem_comp.name
_chem_comp.formula
HEM non-polymer 'PROTOPORPHYRIN IX CONTAINING FE' 'C34 H32 Fe N4 O4'
LXO non-polymer '4-(pyridin-4-ylamino)butanoic acid' 'C9 H12 N2 O2'
#
# COMPACT_ATOMS: atom_id res chain seq x y z
N LYS A 5 10.30 10.59 32.06
CA LYS A 5 11.65 11.04 31.78
C LYS A 5 12.67 9.96 32.14
N GLU A 6 12.67 9.56 33.41
CA GLU A 6 13.57 8.51 33.86
C GLU A 6 13.03 7.15 33.48
N MET A 7 13.89 6.31 32.91
CA MET A 7 13.36 5.08 32.31
C MET A 7 13.54 3.92 33.27
N PRO A 8 12.49 3.13 33.51
CA PRO A 8 12.63 1.95 34.37
C PRO A 8 13.59 0.93 33.78
N GLN A 9 14.12 0.07 34.65
CA GLN A 9 15.06 -0.96 34.25
C GLN A 9 14.92 -2.13 35.20
N PRO A 10 14.88 -3.37 34.71
CA PRO A 10 14.73 -4.51 35.63
C PRO A 10 15.98 -4.76 36.45
N LYS A 11 15.93 -5.76 37.33
CA LYS A 11 17.00 -6.00 38.27
C LYS A 11 18.30 -6.36 37.56
N THR A 12 19.42 -5.98 38.16
CA THR A 12 20.73 -6.14 37.56
C THR A 12 21.56 -7.14 38.35
N PHE A 13 22.65 -7.58 37.72
CA PHE A 13 23.55 -8.60 38.25
C PHE A 13 24.99 -8.13 38.18
N GLY A 14 25.26 -6.98 38.82
CA GLY A 14 26.61 -6.44 38.79
C GLY A 14 27.07 -6.16 37.37
N GLU A 15 28.28 -6.65 37.06
CA GLU A 15 28.89 -6.36 35.77
C GLU A 15 28.12 -6.94 34.60
N LEU A 16 27.30 -7.96 34.83
CA LEU A 16 26.51 -8.57 33.77
C LEU A 16 25.24 -7.80 33.46
N LYS A 17 24.93 -6.75 34.24
CA LYS A 17 23.77 -5.88 34.02
C LYS A 17 22.52 -6.76 33.97
N ASN A 18 21.69 -6.66 32.94
CA ASN A 18 20.45 -7.45 32.84
C ASN A 18 20.62 -8.78 32.14
N LEU A 19 21.81 -9.08 31.60
CA LEU A 19 21.97 -10.27 30.76
C LEU A 19 21.50 -11.57 31.40
N PRO A 20 21.76 -11.85 32.69
CA PRO A 20 21.26 -13.12 33.27
C PRO A 20 19.75 -13.27 33.21
N LEU A 21 19.00 -12.18 33.04
CA LEU A 21 17.55 -12.28 32.90
C LEU A 21 17.16 -13.06 31.65
N LEU A 22 18.00 -13.06 30.62
CA LEU A 22 17.76 -13.82 29.41
C LEU A 22 18.23 -15.26 29.52
N ASN A 23 18.95 -15.62 30.58
CA ASN A 23 19.39 -17.00 30.80
C ASN A 23 18.23 -17.82 31.35
N THR A 24 17.26 -18.08 30.47
CA THR A 24 16.04 -18.79 30.79
C THR A 24 15.52 -19.46 29.52
N ASP A 25 14.68 -20.48 29.70
CA ASP A 25 14.15 -21.17 28.52
C ASP A 25 13.04 -20.41 27.83
N LYS A 26 12.47 -19.41 28.48
CA LYS A 26 11.33 -18.67 27.95
C LYS A 26 11.59 -17.17 28.09
N PRO A 27 12.55 -16.63 27.33
CA PRO A 27 12.94 -15.23 27.55
C PRO A 27 11.88 -14.22 27.13
N VAL A 28 11.12 -14.47 26.07
CA VAL A 28 10.07 -13.53 25.67
C VAL A 28 9.02 -13.42 26.77
N GLN A 29 8.60 -14.56 27.32
CA GLN A 29 7.61 -14.55 28.38
C GLN A 29 8.16 -13.88 29.64
N ALA A 30 9.46 -14.02 29.90
CA ALA A 30 10.08 -13.27 30.97
C ALA A 30 10.04 -11.77 30.69
N LEU A 31 10.35 -11.37 29.46
CA LEU A 31 10.30 -9.95 29.09
C LEU A 31 8.89 -9.39 29.19
N MET A 32 7.89 -10.21 28.86
CA MET A 32 6.50 -9.79 29.02
C MET A 32 6.19 -9.53 30.49
N LYS A 33 6.64 -10.41 31.38
CA LYS A 33 6.42 -10.22 32.81
C LYS A 33 7.13 -8.96 33.31
N ILE A 34 8.32 -8.68 32.78
CA ILE A 34 9.01 -7.44 33.13
C ILE A 34 8.19 -6.24 32.68
N ALA A 35 7.64 -6.29 31.46
CA ALA A 35 6.81 -5.19 30.97
C ALA A 35 5.56 -5.01 31.84
N ASP A 36 4.97 -6.12 32.30
CA ASP A 36 3.83 -6.01 33.21
C ASP A 36 4.20 -5.21 34.45
N GLU A 37 5.41 -5.43 34.97
CA GLU A 37 5.86 -4.78 36.19
C GLU A 37 6.29 -3.33 35.94
N LEU A 38 7.00 -3.08 34.83
CA LEU A 38 7.66 -1.80 34.61
C LEU A 38 6.91 -0.87 33.67
N GLY A 39 6.05 -1.39 32.81
CA GLY A 39 5.23 -0.55 31.95
C GLY A 39 5.68 -0.52 30.51
N GLU A 40 5.31 0.57 29.82
CA GLU A 40 5.39 0.65 28.38
C GLU A 40 6.81 0.74 27.83
N ILE A 41 7.80 1.04 28.67
CA ILE A 41 9.18 1.13 28.20
C ILE A 41 10.12 0.81 29.36
N PHE A 42 11.13 -0.01 29.09
CA PHE A 42 12.19 -0.22 30.06
C PHE A 42 13.52 -0.41 29.34
N LYS A 43 14.57 0.05 30.00
CA LYS A 43 15.92 -0.13 29.48
C LYS A 43 16.40 -1.54 29.81
N PHE A 44 17.15 -2.12 28.88
CA PHE A 44 17.74 -3.44 29.07
C PHE A 44 19.21 -3.35 28.65
N GLU A 45 20.10 -3.63 29.59
CA GLU A 45 21.53 -3.50 29.35
C GLU A 45 22.21 -4.85 29.49
N ALA A 46 23.17 -5.09 28.62
CA ALA A 46 24.09 -6.22 28.69
C ALA A 46 25.48 -5.67 28.42
N PRO A 47 26.53 -6.46 28.70
CA PRO A 47 27.88 -6.01 28.33
C PRO A 47 27.98 -5.62 26.86
N GLY A 48 28.31 -4.35 26.60
CA GLY A 48 28.43 -3.84 25.26
C GLY A 48 27.13 -3.62 24.53
N ARG A 49 26.00 -3.56 25.24
CA ARG A 49 24.69 -3.47 24.58
C ARG A 49 23.72 -2.69 25.46
N VAL A 50 22.99 -1.76 24.84
CA VAL A 50 21.86 -1.08 25.48
C VAL A 50 20.69 -1.08 24.49
N THR A 51 19.52 -1.50 24.96
CA THR A 51 18.31 -1.40 24.17
C THR A 51 17.13 -1.05 25.09
N ARG A 52 15.99 -0.77 24.47
CA ARG A 52 14.80 -0.32 25.18
C ARG A 52 13.59 -1.09 24.65
N TYR A 53 12.89 -1.78 25.53
CA TYR A 53 11.74 -2.59 25.12
C TYR A 53 10.48 -1.76 25.20
N LEU A 54 9.76 -1.66 24.07
CA LEU A 54 8.52 -0.91 23.99
C LEU A 54 7.34 -1.87 24.00
N SER A 55 6.28 -1.50 24.73
CA SER A 55 5.12 -2.37 24.87
C SER A 55 3.78 -1.69 24.62
N SER A 56 3.74 -0.37 24.48
CA SER A 56 2.48 0.34 24.29
C SER A 56 2.32 0.80 22.85
N GLN A 57 1.08 0.80 22.39
CA GLN A 57 0.79 1.35 21.07
C GLN A 57 1.15 2.82 21.00
N ARG A 58 1.03 3.54 22.12
CA ARG A 58 1.36 4.96 22.16
C ARG A 58 2.78 5.22 21.69
N LEU A 59 3.74 4.43 22.18
CA LEU A 59 5.13 4.59 21.81
C LEU A 59 5.51 3.85 20.53
N ILE A 60 4.90 2.69 20.29
CA ILE A 60 5.27 1.89 19.13
C ILE A 60 4.81 2.52 17.83
N LYS A 61 3.70 3.29 17.87
CA LYS A 61 3.28 4.00 16.66
C LYS A 61 4.33 5.03 16.24
N GLU A 62 5.06 5.60 17.20
CA GLU A 62 6.16 6.50 16.88
C GLU A 62 7.38 5.72 16.39
N ALA A 63 7.66 4.57 17.03
CA ALA A 63 8.78 3.75 16.60
C ALA A 63 8.62 3.29 15.15
N CYS A 64 7.39 3.18 14.68
CA CYS A 64 7.10 2.73 13.32
C CYS A 64 7.15 3.86 12.30
N ASP A 65 7.53 5.07 12.73
CA ASP A 65 7.76 6.18 11.80
C ASP A 65 9.06 5.93 11.05
N GLU A 66 8.95 5.55 9.78
CA GLU A 66 10.16 5.20 9.02
C GLU A 66 11.05 6.41 8.76
N SER A 67 10.53 7.63 8.88
CA SER A 67 11.39 8.80 8.76
C SER A 67 12.31 8.96 9.97
N ARG A 68 11.96 8.34 11.10
CA ARG A 68 12.72 8.47 12.33
C ARG A 68 13.46 7.20 12.74
N PHE A 69 12.98 6.03 12.35
CA PHE A 69 13.58 4.77 12.77
C PHE A 69 13.67 3.80 11.61
N ASP A 70 14.79 3.07 11.55
CA ASP A 70 15.03 2.05 10.55
C ASP A 70 15.21 0.71 11.24
N LYS A 71 15.11 -0.38 10.47
CA LYS A 71 15.30 -1.71 11.04
C LYS A 71 16.74 -1.89 11.53
N ASN A 72 16.86 -2.44 12.72
CA ASN A 72 18.13 -2.84 13.32
C ASN A 72 18.20 -4.36 13.33
N LEU A 73 19.41 -4.89 13.15
CA LEU A 73 19.64 -6.32 13.37
C LEU A 73 19.83 -6.54 14.87
N SER A 74 18.84 -7.16 15.51
CA SER A 74 19.02 -7.63 16.86
C SER A 74 20.19 -8.60 16.93
N GLN A 75 20.61 -8.92 18.15
CA GLN A 75 21.69 -9.90 18.29
C GLN A 75 21.27 -11.25 17.72
N ALA A 76 19.99 -11.62 17.90
CA ALA A 76 19.48 -12.85 17.28
C ALA A 76 19.65 -12.81 15.77
N LEU A 77 19.23 -11.72 15.12
CA LEU A 77 19.34 -11.63 13.68
C LEU A 77 20.80 -11.57 13.24
N LYS A 78 21.68 -10.95 14.04
CA LYS A 78 23.09 -10.95 13.68
C LYS A 78 23.67 -12.37 13.68
N PHE A 79 23.26 -13.20 14.64
CA PHE A 79 23.76 -14.56 14.67
C PHE A 79 23.12 -15.42 13.58
N VAL A 80 21.84 -15.17 13.26
CA VAL A 80 21.19 -15.87 12.16
C VAL A 80 21.83 -15.49 10.83
N ARG A 81 22.32 -14.25 10.72
CA ARG A 81 22.99 -13.82 9.49
C ARG A 81 24.18 -14.71 9.12
N ASP A 82 24.75 -15.44 10.09
CA ASP A 82 25.88 -16.30 9.79
C ASP A 82 25.51 -17.46 8.86
N PHE A 83 24.23 -17.80 8.74
CA PHE A 83 23.79 -18.74 7.72
C PHE A 83 22.73 -18.19 6.78
N ALA A 84 22.04 -17.11 7.14
CA ALA A 84 21.08 -16.48 6.25
C ALA A 84 21.69 -15.37 5.41
N GLY A 85 22.95 -15.00 5.67
CA GLY A 85 23.71 -14.08 4.85
C GLY A 85 23.03 -12.73 4.71
N ASP A 86 23.18 -12.13 3.53
CA ASP A 86 22.45 -10.89 3.22
C ASP A 86 21.15 -11.18 2.49
N GLY A 87 20.49 -12.28 2.85
CA GLY A 87 19.09 -12.44 2.50
C GLY A 87 18.25 -11.34 3.10
N LEU A 88 16.97 -11.33 2.71
CA LEU A 88 16.11 -10.17 3.00
C LEU A 88 15.98 -9.92 4.49
N ALA A 89 15.83 -10.99 5.29
CA ALA A 89 15.54 -10.81 6.71
C ALA A 89 16.73 -10.38 7.55
N THR A 90 17.96 -10.68 7.12
CA THR A 90 19.14 -10.38 7.92
C THR A 90 20.05 -9.33 7.27
N SER A 91 19.54 -8.55 6.33
CA SER A 91 20.32 -7.49 5.70
CA SER A 91 20.32 -7.49 5.70
C SER A 91 19.85 -6.14 6.19
N TRP A 92 20.77 -5.19 6.21
CA TRP A 92 20.44 -3.82 6.55
C TRP A 92 19.76 -3.15 5.37
N THR A 93 18.91 -2.18 5.67
CA THR A 93 18.15 -1.48 4.62
C THR A 93 19.09 -0.80 3.64
N HIS A 94 20.29 -0.42 4.08
CA HIS A 94 21.25 0.31 3.26
C HIS A 94 22.16 -0.60 2.45
N GLU A 95 22.08 -1.91 2.61
CA GLU A 95 22.86 -2.84 1.82
C GLU A 95 22.27 -2.97 0.42
N LYS A 96 23.13 -2.91 -0.60
CA LYS A 96 22.67 -2.96 -1.99
C LYS A 96 21.78 -4.16 -2.24
N ASN A 97 22.10 -5.31 -1.64
CA ASN A 97 21.33 -6.51 -1.89
C ASN A 97 19.97 -6.53 -1.22
N TRP A 98 19.71 -5.67 -0.23
CA TRP A 98 18.37 -5.64 0.34
C TRP A 98 17.37 -5.05 -0.66
N LYS A 99 17.63 -3.82 -1.13
CA LYS A 99 16.66 -3.19 -2.03
C LYS A 99 16.56 -3.95 -3.33
N LYS A 100 17.68 -4.49 -3.81
CA LYS A 100 17.69 -5.30 -5.02
C LYS A 100 16.76 -6.51 -4.90
N ALA A 101 16.94 -7.31 -3.85
CA ALA A 101 16.12 -8.50 -3.69
C ALA A 101 14.67 -8.13 -3.37
N HIS A 102 14.49 -7.06 -2.59
CA HIS A 102 13.15 -6.55 -2.28
C HIS A 102 12.38 -6.20 -3.55
N ASN A 103 13.00 -5.42 -4.44
CA ASN A 103 12.33 -5.05 -5.69
C ASN A 103 12.04 -6.28 -6.55
N ILE A 104 12.96 -7.23 -6.58
CA ILE A 104 12.78 -8.40 -7.45
C ILE A 104 11.72 -9.33 -6.88
N LEU A 105 11.73 -9.56 -5.57
CA LEU A 105 10.90 -10.58 -4.95
C LEU A 105 9.49 -10.12 -4.62
N LEU A 106 9.27 -8.81 -4.49
CA LEU A 106 7.96 -8.31 -4.11
C LEU A 106 6.85 -8.81 -5.04
N PRO A 107 6.99 -8.76 -6.37
CA PRO A 107 5.91 -9.31 -7.22
C PRO A 107 5.68 -10.80 -7.05
N SER A 108 6.70 -11.57 -6.67
CA SER A 108 6.52 -13.01 -6.48
C SER A 108 5.95 -13.37 -5.12
N PHE A 109 5.68 -12.37 -4.26
CA PHE A 109 5.04 -12.61 -2.97
C PHE A 109 3.69 -11.91 -2.86
N SER A 110 3.20 -11.35 -3.97
CA SER A 110 1.95 -10.61 -3.94
C SER A 110 0.77 -11.57 -3.78
N GLN A 111 -0.38 -10.97 -3.44
CA GLN A 111 -1.62 -11.75 -3.43
C GLN A 111 -1.87 -12.41 -4.77
N GLN A 112 -1.54 -11.71 -5.86
CA GLN A 112 -1.70 -12.27 -7.20
C GLN A 112 -0.78 -13.47 -7.44
N ALA A 113 0.43 -13.44 -6.88
CA ALA A 113 1.34 -14.57 -7.04
C ALA A 113 0.87 -15.81 -6.28
N MET A 114 0.03 -15.62 -5.26
CA MET A 114 -0.49 -16.77 -4.52
C MET A 114 -1.34 -17.66 -5.40
N LYS A 115 -1.96 -17.09 -6.44
CA LYS A 115 -2.74 -17.90 -7.38
C LYS A 115 -1.86 -18.98 -8.01
N GLY A 116 -0.59 -18.67 -8.26
CA GLY A 116 0.33 -19.62 -8.87
C GLY A 116 0.93 -20.61 -7.90
N TYR A 117 1.01 -20.26 -6.62
CA TYR A 117 1.51 -21.19 -5.61
C TYR A 117 0.43 -22.11 -5.07
N HIS A 118 -0.85 -21.81 -5.34
CA HIS A 118 -1.94 -22.49 -4.65
C HIS A 118 -1.90 -23.99 -4.86
N ALA A 119 -1.62 -24.44 -6.10
CA ALA A 119 -1.63 -25.88 -6.37
C ALA A 119 -0.59 -26.62 -5.55
N MET A 120 0.59 -26.02 -5.36
CA MET A 120 1.62 -26.65 -4.55
C MET A 120 1.24 -26.66 -3.07
N MET A 121 0.62 -25.59 -2.59
CA MET A 121 0.14 -25.57 -1.20
C MET A 121 -0.91 -26.65 -0.98
N VAL A 122 -1.80 -26.83 -1.96
CA VAL A 122 -2.83 -27.87 -1.85
C VAL A 122 -2.18 -29.24 -1.82
N ASP A 123 -1.12 -29.44 -2.60
CA ASP A 123 -0.42 -30.71 -2.62
C ASP A 123 -0.01 -31.15 -1.22
N ILE A 124 0.68 -30.29 -0.48
CA ILE A 124 1.11 -30.65 0.87
C ILE A 124 -0.07 -30.69 1.83
N ALA A 125 -1.02 -29.77 1.66
CA ALA A 125 -2.19 -29.75 2.55
C ALA A 125 -2.96 -31.06 2.46
N VAL A 126 -3.09 -31.61 1.26
CA VAL A 126 -3.78 -32.89 1.08
C VAL A 126 -3.01 -34.01 1.78
N GLN A 127 -1.67 -33.97 1.71
CA GLN A 127 -0.87 -34.96 2.43
C GLN A 127 -1.15 -34.92 3.93
N LEU A 128 -1.28 -33.72 4.49
CA LEU A 128 -1.60 -33.60 5.91
C LEU A 128 -2.96 -34.21 6.22
N VAL A 129 -3.98 -33.85 5.44
CA VAL A 129 -5.32 -34.40 5.67
C VAL A 129 -5.32 -35.92 5.55
N GLN A 130 -4.64 -36.46 4.52
CA GLN A 130 -4.61 -37.90 4.33
C GLN A 130 -3.89 -38.59 5.49
N LYS A 131 -2.83 -37.98 6.02
CA LYS A 131 -2.18 -38.56 7.19
C LYS A 131 -3.16 -38.73 8.33
N TRP A 132 -3.94 -37.67 8.62
CA TRP A 132 -4.88 -37.72 9.73
C TRP A 132 -6.05 -38.64 9.44
N GLU A 133 -6.49 -38.74 8.18
CA GLU A 133 -7.53 -39.68 7.82
C GLU A 133 -7.10 -41.12 8.06
N ARG A 134 -5.80 -41.39 7.98
CA ARG A 134 -5.28 -42.75 8.07
C ARG A 134 -4.86 -43.12 9.49
N LEU A 135 -5.06 -42.25 10.47
CA LEU A 135 -4.78 -42.62 11.84
C LEU A 135 -5.78 -43.65 12.33
N ASN A 136 -5.32 -44.54 13.19
CA ASN A 136 -6.20 -45.51 13.80
C ASN A 136 -6.94 -44.89 14.98
N ALA A 137 -7.99 -45.57 15.43
CA ALA A 137 -8.76 -45.09 16.57
C ALA A 137 -7.87 -44.87 17.78
N ASP A 138 -8.10 -43.76 18.48
CA ASP A 138 -7.41 -43.41 19.72
C ASP A 138 -5.91 -43.21 19.54
N GLU A 139 -5.43 -43.15 18.29
CA GLU A 139 -4.19 -42.43 18.05
C GLU A 139 -4.47 -40.93 18.07
N HIS A 140 -3.43 -40.13 18.28
CA HIS A 140 -3.60 -38.70 18.41
C HIS A 140 -2.64 -37.98 17.48
N ILE A 141 -2.81 -36.67 17.38
CA ILE A 141 -2.03 -35.81 16.49
C ILE A 141 -1.07 -34.99 17.34
N GLU A 142 0.20 -34.96 16.94
CA GLU A 142 1.18 -34.04 17.49
C GLU A 142 1.13 -32.79 16.62
N VAL A 143 0.49 -31.74 17.12
CA VAL A 143 0.08 -30.61 16.29
C VAL A 143 1.27 -29.81 15.76
N PRO A 144 2.13 -29.21 16.62
CA PRO A 144 3.25 -28.43 16.04
C PRO A 144 4.17 -29.27 15.17
N GLU A 145 4.35 -30.55 15.50
CA GLU A 145 5.18 -31.42 14.68
C GLU A 145 4.61 -31.55 13.26
N ASP A 146 3.32 -31.80 13.15
CA ASP A 146 2.71 -31.95 11.83
C ASP A 146 2.63 -30.63 11.09
N MET A 147 2.35 -29.53 11.80
CA MET A 147 2.30 -28.23 11.15
C MET A 147 3.65 -27.84 10.58
N THR A 148 4.74 -28.17 11.29
CA THR A 148 6.08 -27.85 10.79
C THR A 148 6.45 -28.72 9.60
N ARG A 149 6.04 -29.99 9.60
CA ARG A 149 6.20 -30.82 8.42
C ARG A 149 5.52 -30.16 7.23
N LEU A 150 4.30 -29.63 7.43
CA LEU A 150 3.55 -29.03 6.35
C LEU A 150 4.20 -27.74 5.84
N THR A 151 4.58 -26.83 6.75
CA THR A 151 5.10 -25.54 6.29
C THR A 151 6.48 -25.69 5.64
N LEU A 152 7.33 -26.55 6.19
CA LEU A 152 8.64 -26.78 5.58
C LEU A 152 8.49 -27.35 4.18
N ASP A 153 7.62 -28.36 4.02
CA ASP A 153 7.43 -28.96 2.70
C ASP A 153 6.81 -27.96 1.74
N THR A 154 5.89 -27.13 2.23
CA THR A 154 5.25 -26.15 1.36
C THR A 154 6.25 -25.11 0.87
N ILE A 155 7.09 -24.61 1.77
CA ILE A 155 8.11 -23.63 1.36
C ILE A 155 9.15 -24.28 0.48
N GLY A 156 9.50 -25.54 0.74
CA GLY A 156 10.41 -26.24 -0.13
C GLY A 156 9.87 -26.36 -1.55
N LEU A 157 8.59 -26.70 -1.68
CA LEU A 157 7.99 -26.87 -2.99
C LEU A 157 7.82 -25.52 -3.71
N CYS A 158 7.23 -24.55 -3.02
CA CYS A 158 7.01 -23.23 -3.62
C CYS A 158 8.33 -22.46 -3.76
N GLY A 159 9.27 -22.69 -2.85
CA GLY A 159 10.52 -21.96 -2.89
C GLY A 159 11.44 -22.40 -4.02
N PHE A 160 11.68 -23.72 -4.15
CA PHE A 160 12.60 -24.19 -5.17
C PHE A 160 12.24 -25.58 -5.71
N ASN A 161 10.96 -25.95 -5.68
CA ASN A 161 10.46 -27.18 -6.29
C ASN A 161 11.19 -28.41 -5.77
N TYR A 162 11.44 -28.43 -4.46
CA TYR A 162 12.14 -29.52 -3.81
C TYR A 162 11.20 -30.14 -2.79
N ARG A 163 11.15 -31.47 -2.76
CA ARG A 163 10.27 -32.18 -1.85
C ARG A 163 11.08 -32.72 -0.68
N PHE A 164 10.88 -32.13 0.49
CA PHE A 164 11.50 -32.65 1.70
C PHE A 164 10.85 -33.96 2.14
N ASN A 165 9.61 -34.19 1.71
CA ASN A 165 8.89 -35.44 2.00
C ASN A 165 8.84 -35.72 3.50
N SER A 166 8.49 -34.67 4.26
CA SER A 166 8.46 -34.76 5.71
C SER A 166 7.41 -35.74 6.21
N PHE A 167 6.34 -35.94 5.45
CA PHE A 167 5.31 -36.86 5.91
C PHE A 167 5.67 -38.33 5.65
N TYR A 168 6.83 -38.58 5.06
CA TYR A 168 7.35 -39.92 4.86
C TYR A 168 8.43 -40.26 5.88
N ARG A 169 8.60 -39.45 6.92
CA ARG A 169 9.78 -39.52 7.77
C ARG A 169 9.45 -39.33 9.25
N ASP A 170 10.30 -39.96 10.06
CA ASP A 170 10.46 -39.66 11.47
C ASP A 170 11.65 -38.74 11.69
N GLN A 171 12.76 -39.06 11.02
CA GLN A 171 13.94 -38.19 11.02
C GLN A 171 13.83 -37.24 9.84
N PRO A 172 13.81 -35.93 10.06
CA PRO A 172 13.62 -35.01 8.94
C PRO A 172 14.80 -35.07 7.97
N HIS A 173 14.55 -34.51 6.80
CA HIS A 173 15.60 -34.36 5.79
C HIS A 173 16.82 -33.69 6.42
N PRO A 174 18.04 -34.15 6.10
CA PRO A 174 19.23 -33.58 6.75
C PRO A 174 19.35 -32.07 6.70
N PHE A 175 18.86 -31.42 5.64
CA PHE A 175 18.88 -29.95 5.61
C PHE A 175 18.07 -29.39 6.77
N ILE A 176 16.90 -29.96 7.03
CA ILE A 176 16.06 -29.47 8.12
C ILE A 176 16.73 -29.70 9.47
N THR A 177 17.37 -30.86 9.65
CA THR A 177 18.07 -31.12 10.91
C THR A 177 19.18 -30.11 11.13
N SER A 178 19.97 -29.82 10.09
CA SER A 178 21.00 -28.80 10.21
C SER A 178 20.40 -27.42 10.42
N MET A 179 19.31 -27.10 9.71
CA MET A 179 18.68 -25.79 9.87
C MET A 179 18.21 -25.56 11.30
N VAL A 180 17.53 -26.56 11.88
CA VAL A 180 17.04 -26.42 13.25
C VAL A 180 18.21 -26.29 14.22
N ARG A 181 19.25 -27.10 14.02
CA ARG A 181 20.41 -27.05 14.91
C ARG A 181 21.16 -25.73 14.78
N ALA A 182 21.21 -25.15 13.57
CA ALA A 182 21.84 -23.86 13.40
C ALA A 182 21.06 -22.76 14.11
N LEU A 183 19.73 -22.78 13.98
CA LEU A 183 18.90 -21.79 14.66
C LEU A 183 19.06 -21.89 16.17
N ASP A 184 19.12 -23.11 16.70
CA ASP A 184 19.29 -23.30 18.14
C ASP A 184 20.63 -22.74 18.60
N GLU A 185 21.70 -22.97 17.83
CA GLU A 185 23.00 -22.43 18.19
C GLU A 185 23.00 -20.91 18.20
N ALA A 186 22.37 -20.31 17.18
CA ALA A 186 22.30 -18.86 17.13
C ALA A 186 21.58 -18.29 18.36
N MET A 187 20.45 -18.91 18.74
CA MET A 187 19.72 -18.44 19.90
C MET A 187 20.44 -18.76 21.20
N ASN A 188 21.15 -19.89 21.26
CA ASN A 188 21.91 -20.22 22.47
C ASN A 188 23.04 -19.23 22.72
N LYS A 189 23.66 -18.69 21.65
CA LYS A 189 24.76 -17.74 21.82
C LYS A 189 24.33 -16.50 22.59
N LEU A 190 23.07 -16.10 22.49
CA LEU A 190 22.60 -14.89 23.17
C LEU A 190 22.82 -14.97 24.67
N GLN A 191 22.49 -16.11 25.28
CA GLN A 191 22.50 -16.17 26.74
C GLN A 191 23.91 -16.32 27.30
N ARG A 192 24.87 -16.75 26.49
CA ARG A 192 26.25 -16.94 26.96
C ARG A 192 26.93 -15.61 27.32
N PRO A 195 30.77 -15.91 28.69
CA PRO A 195 30.85 -15.72 27.25
C PRO A 195 31.47 -16.94 26.57
N ASP A 196 32.01 -16.73 25.37
CA ASP A 196 32.29 -17.85 24.46
C ASP A 196 33.61 -18.53 24.79
N ASP A 197 33.61 -19.26 25.90
CA ASP A 197 34.80 -19.91 26.42
C ASP A 197 34.95 -21.30 25.82
N PRO A 198 35.96 -22.05 26.27
CA PRO A 198 36.26 -23.37 25.68
C PRO A 198 35.13 -24.39 25.69
N ALA A 199 34.19 -24.34 26.63
CA ALA A 199 33.14 -25.36 26.60
C ALA A 199 32.29 -25.26 25.32
N TYR A 200 32.21 -24.08 24.72
CA TYR A 200 31.40 -23.84 23.53
C TYR A 200 32.14 -24.09 22.21
N ASP A 201 33.38 -24.62 22.27
CA ASP A 201 34.14 -24.91 21.05
C ASP A 201 33.46 -25.97 20.21
N GLU A 202 32.88 -26.98 20.86
CA GLU A 202 32.18 -28.02 20.13
C GLU A 202 31.00 -27.44 19.36
N ASN A 203 30.29 -26.48 19.96
CA ASN A 203 29.16 -25.86 19.28
C ASN A 203 29.61 -25.15 18.00
N LYS A 204 30.77 -24.49 18.02
CA LYS A 204 31.27 -23.85 16.81
C LYS A 204 31.50 -24.86 15.68
N ARG A 205 32.08 -26.02 16.01
CA ARG A 205 32.37 -27.01 14.98
C ARG A 205 31.09 -27.54 14.35
N GLN A 206 30.05 -27.79 15.17
CA GLN A 206 28.77 -28.23 14.63
C GLN A 206 28.14 -27.14 13.77
N PHE A 207 28.30 -25.87 14.20
CA PHE A 207 27.69 -24.75 13.51
C PHE A 207 28.19 -24.64 12.08
N GLN A 208 29.51 -24.78 11.86
CA GLN A 208 30.04 -24.73 10.50
C GLN A 208 29.60 -25.92 9.66
N GLU A 209 29.52 -27.11 10.25
CA GLU A 209 29.08 -28.28 9.47
C GLU A 209 27.64 -28.10 9.00
N ASP A 210 26.78 -27.55 9.86
CA ASP A 210 25.38 -27.32 9.50
C ASP A 210 25.26 -26.26 8.42
N ILE A 211 26.10 -25.21 8.50
CA ILE A 211 26.11 -24.19 7.45
C ILE A 211 26.47 -24.82 6.11
N LYS A 212 27.47 -25.71 6.11
CA LYS A 212 27.88 -26.37 4.88
C LYS A 212 26.77 -27.24 4.32
N VAL A 213 26.04 -27.94 5.19
CA VAL A 213 24.95 -28.81 4.73
C VAL A 213 23.89 -27.98 4.01
N MET A 214 23.50 -26.84 4.59
CA MET A 214 22.48 -26.00 3.97
C MET A 214 23.00 -25.38 2.67
N ASN A 215 24.20 -24.82 2.70
CA ASN A 215 24.77 -24.21 1.49
C ASN A 215 24.92 -25.23 0.37
N ASP A 216 25.41 -26.44 0.70
CA ASP A 216 25.66 -27.44 -0.32
C ASP A 216 24.38 -27.86 -1.03
N LEU A 217 23.31 -28.13 -0.27
CA LEU A 217 22.06 -28.55 -0.91
C LEU A 217 21.47 -27.44 -1.75
N VAL A 218 21.38 -26.22 -1.19
CA VAL A 218 20.78 -25.12 -1.92
C VAL A 218 21.61 -24.75 -3.14
N ASP A 219 22.94 -24.69 -2.99
CA ASP A 219 23.79 -24.40 -4.14
C ASP A 219 23.65 -25.48 -5.20
N LYS A 220 23.49 -26.73 -4.78
CA LYS A 220 23.32 -27.82 -5.74
C LYS A 220 22.03 -27.66 -6.54
N ILE A 221 20.93 -27.35 -5.86
CA ILE A 221 19.64 -27.23 -6.55
C ILE A 221 19.66 -26.05 -7.52
N ILE A 222 20.28 -24.94 -7.13
CA ILE A 222 20.40 -23.80 -8.05
C ILE A 222 21.19 -24.22 -9.29
N ALA A 223 22.32 -24.89 -9.10
CA ALA A 223 23.12 -25.33 -10.24
C ALA A 223 22.35 -26.32 -11.11
N ASP A 224 21.67 -27.28 -10.49
CA ASP A 224 20.83 -28.21 -11.25
C ASP A 224 19.82 -27.47 -12.10
N ARG A 225 19.16 -26.46 -11.53
CA ARG A 225 18.13 -25.74 -12.26
C ARG A 225 18.72 -24.94 -13.42
N LYS A 226 19.87 -24.30 -13.20
CA LYS A 226 20.51 -23.56 -14.29
C LYS A 226 20.97 -24.49 -15.40
N ALA A 227 21.45 -25.68 -15.05
CA ALA A 227 21.90 -26.64 -16.06
C ALA A 227 20.71 -27.20 -16.82
N SER A 228 19.59 -27.43 -16.11
CA SER A 228 18.41 -28.00 -16.74
C SER A 228 17.72 -27.00 -17.66
N GLY A 229 17.65 -25.74 -17.24
CA GLY A 229 16.91 -24.74 -17.97
C GLY A 229 15.41 -24.84 -17.79
N GLU A 230 14.96 -25.79 -16.97
CA GLU A 230 13.54 -25.99 -16.74
C GLU A 230 12.94 -24.82 -15.97
N GLN A 231 11.71 -24.47 -16.31
CA GLN A 231 10.99 -23.38 -15.66
C GLN A 231 9.90 -24.00 -14.78
N SER A 232 9.83 -23.54 -13.53
CA SER A 232 8.78 -23.99 -12.63
C SER A 232 8.00 -22.77 -12.13
N ASP A 233 6.98 -23.04 -11.32
CA ASP A 233 6.20 -22.00 -10.68
C ASP A 233 6.72 -21.64 -9.29
N ASP A 234 8.04 -21.68 -9.12
CA ASP A 234 8.65 -21.48 -7.80
C ASP A 234 9.45 -20.19 -7.77
N LEU A 235 9.82 -19.80 -6.54
CA LEU A 235 10.57 -18.57 -6.33
C LEU A 235 11.95 -18.64 -6.98
N LEU A 236 12.55 -19.83 -7.06
CA LEU A 236 13.88 -19.96 -7.66
C LEU A 236 13.86 -19.55 -9.13
N THR A 237 12.86 -20.00 -9.89
CA THR A 237 12.76 -19.58 -11.29
C THR A 237 12.61 -18.06 -11.39
N HIS A 238 11.79 -17.46 -10.52
CA HIS A 238 11.63 -16.01 -10.54
C HIS A 238 12.95 -15.30 -10.27
N MET A 239 13.76 -15.84 -9.35
CA MET A 239 15.03 -15.21 -9.03
C MET A 239 16.07 -15.44 -10.11
N LEU A 240 16.04 -16.59 -10.79
CA LEU A 240 16.98 -16.82 -11.88
C LEU A 240 16.72 -15.92 -13.08
N ASN A 241 15.46 -15.51 -13.29
CA ASN A 241 15.10 -14.72 -14.45
C ASN A 241 14.81 -13.26 -14.14
N GLY A 242 14.63 -12.90 -12.87
CA GLY A 242 14.22 -11.55 -12.54
C GLY A 242 15.37 -10.56 -12.59
N LYS A 243 15.02 -9.31 -12.86
CA LYS A 243 15.95 -8.19 -12.81
C LYS A 243 15.36 -7.07 -11.97
N ASP A 244 16.17 -6.49 -11.11
CA ASP A 244 15.80 -5.32 -10.34
C ASP A 244 15.53 -4.15 -11.28
N PRO A 245 14.31 -3.59 -11.29
CA PRO A 245 14.05 -2.43 -12.16
C PRO A 245 14.97 -1.25 -11.89
N GLU A 246 15.41 -1.05 -10.64
CA GLU A 246 16.24 0.11 -10.30
C GLU A 246 17.63 -0.01 -10.91
N THR A 247 18.41 -1.01 -10.45
CA THR A 247 19.77 -1.20 -10.92
C THR A 247 19.85 -1.90 -12.28
N GLY A 248 18.79 -2.61 -12.68
CA GLY A 248 18.83 -3.46 -13.86
C GLY A 248 19.52 -4.77 -13.67
N GLU A 249 20.01 -5.09 -12.43
CA GLU A 249 20.80 -6.27 -12.15
C GLU A 249 19.93 -7.40 -11.60
N PRO A 250 20.27 -8.63 -11.93
CA PRO A 250 19.67 -9.79 -11.25
C PRO A 250 20.45 -10.11 -9.98
N LEU A 251 19.81 -10.93 -9.13
CA LEU A 251 20.50 -11.48 -7.97
C LEU A 251 21.55 -12.48 -8.42
N ASP A 252 22.71 -12.46 -7.76
CA ASP A 252 23.71 -13.47 -8.06
C ASP A 252 23.38 -14.79 -7.36
N ASP A 253 24.11 -15.84 -7.74
CA ASP A 253 23.80 -17.18 -7.23
C ASP A 253 23.99 -17.28 -5.73
N GLU A 254 24.97 -16.56 -5.17
CA GLU A 254 25.17 -16.62 -3.73
C GLU A 254 23.99 -16.02 -2.98
N ASN A 255 23.47 -14.88 -3.45
CA ASN A 255 22.35 -14.26 -2.75
C ASN A 255 21.06 -15.05 -2.94
N ILE A 256 20.85 -15.62 -4.14
CA ILE A 256 19.69 -16.49 -4.34
C ILE A 256 19.69 -17.62 -3.33
N ARG A 257 20.86 -18.20 -3.06
CA ARG A 257 20.98 -19.23 -2.03
C ARG A 257 20.55 -18.69 -0.67
N TYR A 258 21.03 -17.51 -0.30
CA TYR A 258 20.66 -16.93 0.97
C TYR A 258 19.17 -16.62 1.05
N GLN A 259 18.55 -16.22 -0.07
CA GLN A 259 17.12 -15.99 -0.05
C GLN A 259 16.33 -17.28 0.19
N ILE A 260 16.76 -18.37 -0.45
CA ILE A 260 16.07 -19.65 -0.27
C ILE A 260 16.21 -20.13 1.16
N ILE A 261 17.43 -20.08 1.70
CA ILE A 261 17.64 -20.41 3.11
C ILE A 261 16.79 -19.51 4.00
N THR A 262 16.70 -18.22 3.65
CA THR A 262 15.90 -17.29 4.44
C THR A 262 14.43 -17.68 4.44
N PHE A 263 13.87 -18.03 3.26
CA PHE A 263 12.47 -18.43 3.21
C PHE A 263 12.19 -19.58 4.16
N LEU A 264 13.09 -20.56 4.21
CA LEU A 264 12.90 -21.72 5.08
C LEU A 264 13.08 -21.35 6.55
N ILE A 265 14.18 -20.68 6.89
CA ILE A 265 14.44 -20.39 8.30
C ILE A 265 13.47 -19.33 8.82
N ALA A 266 13.10 -18.36 7.99
CA ALA A 266 12.25 -17.27 8.46
C ALA A 266 10.76 -17.60 8.37
N GLY A 267 10.36 -18.39 7.39
CA GLY A 267 8.95 -18.64 7.16
C GLY A 267 8.33 -19.89 7.78
N HIS A 268 9.10 -20.96 7.95
CA HIS A 268 8.48 -22.24 8.32
C HIS A 268 7.96 -22.22 9.75
N GLU A 269 8.71 -21.62 10.68
CA GLU A 269 8.40 -21.80 12.10
C GLU A 269 7.32 -20.83 12.57
N VAL A 270 7.40 -19.59 12.10
CA VAL A 270 6.34 -18.63 12.40
C VAL A 270 5.00 -19.14 11.90
N THR A 271 4.99 -19.76 10.71
CA THR A 271 3.74 -20.18 10.10
C THR A 271 3.20 -21.44 10.76
N SER A 272 4.07 -22.40 11.07
CA SER A 272 3.59 -23.60 11.77
C SER A 272 3.15 -23.26 13.18
N GLY A 273 3.85 -22.32 13.83
CA GLY A 273 3.42 -21.85 15.14
C GLY A 273 2.04 -21.23 15.09
N LEU A 274 1.76 -20.42 14.07
CA LEU A 274 0.45 -19.80 13.93
C LEU A 274 -0.64 -20.86 13.79
N LEU A 275 -0.44 -21.84 12.90
CA LEU A 275 -1.42 -22.90 12.75
C LEU A 275 -1.63 -23.65 14.06
N SER A 276 -0.55 -23.92 14.80
CA SER A 276 -0.69 -24.64 16.06
C SER A 276 -1.40 -23.80 17.11
N PHE A 277 -1.06 -22.51 17.23
CA PHE A 277 -1.77 -21.64 18.16
C PHE A 277 -3.23 -21.49 17.77
N ALA A 278 -3.51 -21.38 16.47
CA ALA A 278 -4.89 -21.20 16.03
C ALA A 278 -5.75 -22.41 16.40
N LEU A 279 -5.23 -23.61 16.14
CA LEU A 279 -5.97 -24.82 16.50
C LEU A 279 -6.10 -24.93 18.02
N TYR A 280 -5.06 -24.54 18.76
CA TYR A 280 -5.16 -24.47 20.21
C TYR A 280 -6.31 -23.59 20.67
N PHE A 281 -6.38 -22.35 20.15
CA PHE A 281 -7.42 -21.45 20.59
C PHE A 281 -8.79 -21.93 20.15
N LEU A 282 -8.89 -22.58 18.99
CA LEU A 282 -10.18 -23.08 18.54
C LEU A 282 -10.70 -24.18 19.47
N VAL A 283 -9.85 -25.14 19.84
CA VAL A 283 -10.33 -26.22 20.70
C VAL A 283 -10.55 -25.73 22.13
N LYS A 284 -9.91 -24.63 22.53
CA LYS A 284 -10.19 -24.04 23.84
C LYS A 284 -11.42 -23.14 23.81
N ASN A 285 -11.97 -22.86 22.64
CA ASN A 285 -13.14 -21.98 22.50
C ASN A 285 -14.11 -22.62 21.52
N PRO A 286 -14.88 -23.62 21.98
CA PRO A 286 -15.71 -24.42 21.05
C PRO A 286 -16.73 -23.61 20.26
N HIS A 287 -17.26 -22.52 20.82
CA HIS A 287 -18.19 -21.71 20.04
C HIS A 287 -17.50 -21.07 18.84
N VAL A 288 -16.26 -20.61 19.02
CA VAL A 288 -15.48 -20.06 17.92
C VAL A 288 -15.16 -21.14 16.91
N LEU A 289 -14.76 -22.33 17.39
CA LEU A 289 -14.49 -23.45 16.50
C LEU A 289 -15.71 -23.78 15.65
N GLN A 290 -16.89 -23.81 16.26
CA GLN A 290 -18.10 -24.14 15.51
C GLN A 290 -18.37 -23.11 14.41
N LYS A 291 -18.21 -21.82 14.73
CA LYS A 291 -18.40 -20.79 13.72
C LYS A 291 -17.39 -20.93 12.58
N ALA A 292 -16.13 -21.22 12.91
CA ALA A 292 -15.13 -21.41 11.88
C ALA A 292 -15.41 -22.67 11.05
N ALA A 293 -15.81 -23.76 11.71
CA ALA A 293 -16.12 -24.99 10.98
C ALA A 293 -17.34 -24.82 10.09
N GLU A 294 -18.33 -24.03 10.54
CA GLU A 294 -19.50 -23.77 9.71
C GLU A 294 -19.11 -23.01 8.45
N GLU A 295 -18.21 -22.03 8.57
CA GLU A 295 -17.74 -21.32 7.38
C GLU A 295 -17.02 -22.24 6.42
N ALA A 296 -16.13 -23.10 6.94
CA ALA A 296 -15.38 -24.00 6.08
C ALA A 296 -16.30 -24.93 5.31
N ALA A 297 -17.35 -25.45 5.96
CA ALA A 297 -18.29 -26.33 5.29
C ALA A 297 -19.09 -25.59 4.23
N ARG A 298 -19.45 -24.34 4.50
CA ARG A 298 -20.24 -23.57 3.54
C ARG A 298 -19.40 -23.12 2.35
N VAL A 299 -18.12 -22.82 2.56
CA VAL A 299 -17.29 -22.24 1.51
C VAL A 299 -16.58 -23.30 0.69
N LEU A 300 -16.02 -24.33 1.33
CA LEU A 300 -15.19 -25.32 0.64
C LEU A 300 -16.08 -26.45 0.11
N VAL A 301 -16.80 -26.13 -0.97
CA VAL A 301 -17.82 -27.03 -1.52
C VAL A 301 -17.25 -28.03 -2.52
N ASP A 302 -15.97 -27.92 -2.87
CA ASP A 302 -15.33 -28.81 -3.82
C ASP A 302 -14.37 -29.75 -3.10
N PRO A 303 -14.04 -30.91 -3.70
CA PRO A 303 -13.09 -31.82 -3.05
C PRO A 303 -11.75 -31.19 -2.77
N VAL A 304 -11.33 -30.24 -3.61
CA VAL A 304 -10.06 -29.54 -3.45
C VAL A 304 -10.38 -28.04 -3.40
N PRO A 305 -9.89 -27.31 -2.40
CA PRO A 305 -10.18 -25.87 -2.35
C PRO A 305 -9.52 -25.12 -3.49
N SER A 306 -10.22 -24.11 -3.99
CA SER A 306 -9.68 -23.20 -5.00
C SER A 306 -9.08 -21.97 -4.33
N TYR A 307 -8.27 -21.23 -5.11
CA TYR A 307 -7.73 -19.97 -4.60
C TYR A 307 -8.84 -19.02 -4.21
N LYS A 308 -9.88 -18.92 -5.06
CA LYS A 308 -10.98 -18.01 -4.79
C LYS A 308 -11.71 -18.39 -3.51
N GLN A 309 -11.82 -19.70 -3.25
CA GLN A 309 -12.51 -20.16 -2.05
C GLN A 309 -11.74 -19.80 -0.79
N VAL A 310 -10.40 -19.87 -0.85
CA VAL A 310 -9.60 -19.51 0.32
C VAL A 310 -9.84 -18.05 0.69
N LYS A 311 -9.93 -17.18 -0.32
CA LYS A 311 -10.21 -15.77 -0.04
C LYS A 311 -11.58 -15.58 0.61
N GLN A 312 -12.49 -16.53 0.42
CA GLN A 312 -13.83 -16.47 1.02
C GLN A 312 -13.87 -16.93 2.47
N LEU A 313 -12.79 -17.51 2.99
CA LEU A 313 -12.78 -17.98 4.38
C LEU A 313 -12.50 -16.79 5.30
N LYS A 314 -13.48 -15.89 5.37
CA LYS A 314 -13.33 -14.64 6.10
C LYS A 314 -13.10 -14.89 7.58
N TYR A 315 -13.96 -15.70 8.21
CA TYR A 315 -13.85 -15.92 9.64
C TYR A 315 -12.59 -16.70 10.01
N VAL A 316 -12.16 -17.62 9.15
CA VAL A 316 -10.88 -18.30 9.38
C VAL A 316 -9.74 -17.29 9.40
N GLY A 317 -9.79 -16.31 8.50
CA GLY A 317 -8.77 -15.27 8.49
C GLY A 317 -8.77 -14.44 9.77
N MET A 318 -9.96 -14.17 10.32
CA MET A 318 -10.02 -13.46 11.59
C MET A 318 -9.49 -14.33 12.73
N VAL A 319 -9.78 -15.63 12.69
CA VAL A 319 -9.22 -16.55 13.67
C VAL A 319 -7.70 -16.48 13.65
N LEU A 320 -7.11 -16.51 12.46
CA LEU A 320 -5.65 -16.47 12.36
C LEU A 320 -5.10 -15.15 12.89
N ASN A 321 -5.77 -14.03 12.57
CA ASN A 321 -5.28 -12.74 13.06
C ASN A 321 -5.38 -12.65 14.58
N GLU A 322 -6.46 -13.18 15.16
CA GLU A 322 -6.59 -13.15 16.62
C GLU A 322 -5.57 -14.08 17.28
N ALA A 323 -5.24 -15.20 16.64
CA ALA A 323 -4.16 -16.04 17.14
C ALA A 323 -2.83 -15.31 17.08
N LEU A 324 -2.59 -14.55 16.01
CA LEU A 324 -1.40 -13.73 15.91
C LEU A 324 -1.41 -12.59 16.92
N ARG A 325 -2.59 -12.10 17.29
CA ARG A 325 -2.65 -11.06 18.31
C ARG A 325 -2.13 -11.60 19.64
N LEU A 326 -2.70 -12.71 20.10
CA LEU A 326 -2.29 -13.23 21.41
C LEU A 326 -0.86 -13.74 21.38
N TRP A 327 -0.46 -14.48 20.35
CA TRP A 327 0.87 -15.08 20.31
C TRP A 327 1.52 -14.87 18.95
N PRO A 328 1.98 -13.66 18.67
CA PRO A 328 2.70 -13.38 17.43
C PRO A 328 3.98 -14.21 17.40
N THR A 329 4.08 -15.10 16.41
CA THR A 329 5.09 -16.15 16.46
C THR A 329 6.49 -15.63 16.17
N ALA A 330 6.61 -14.47 15.53
CA ALA A 330 7.86 -13.74 15.52
C ALA A 330 7.72 -12.66 16.60
N PRO A 331 8.28 -12.85 17.79
CA PRO A 331 7.83 -12.07 18.95
C PRO A 331 8.38 -10.67 19.06
N ALA A 332 9.34 -10.26 18.23
CA ALA A 332 9.91 -8.94 18.39
C ALA A 332 10.58 -8.51 17.10
N PHE A 333 10.80 -7.20 16.98
CA PHE A 333 11.69 -6.68 15.96
C PHE A 333 12.38 -5.44 16.53
N SER A 334 13.51 -5.09 15.91
CA SER A 334 14.43 -4.11 16.46
C SER A 334 14.56 -2.93 15.51
N LEU A 335 14.77 -1.75 16.09
CA LEU A 335 14.86 -0.50 15.35
C LEU A 335 15.99 0.33 15.93
N TYR A 336 16.48 1.28 15.12
CA TYR A 336 17.44 2.25 15.60
C TYR A 336 17.01 3.64 15.13
N ALA A 337 17.35 4.63 15.93
CA ALA A 337 17.00 6.02 15.60
C ALA A 337 17.91 6.52 14.49
N LYS A 338 17.32 6.99 13.40
CA LYS A 338 18.09 7.54 12.29
C LYS A 338 18.78 8.84 12.67
N GLU A 339 18.17 9.64 13.55
CA GLU A 339 18.75 10.86 14.07
C GLU A 339 18.35 11.02 15.52
N ASP A 340 18.92 12.04 16.18
CA ASP A 340 18.43 12.42 17.50
C ASP A 340 16.94 12.70 17.43
N THR A 341 16.20 12.18 18.39
CA THR A 341 14.75 12.35 18.39
C THR A 341 14.23 12.10 19.79
N VAL A 342 13.00 12.55 20.04
CA VAL A 342 12.36 12.42 21.33
C VAL A 342 11.18 11.47 21.17
N LEU A 343 11.16 10.41 21.96
CA LEU A 343 10.13 9.38 21.87
C LEU A 343 9.04 9.69 22.88
N GLY A 344 7.80 9.85 22.41
CA GLY A 344 6.68 10.03 23.30
C GLY A 344 6.71 11.32 24.11
N GLY A 345 7.50 12.30 23.69
CA GLY A 345 7.58 13.56 24.38
C GLY A 345 8.32 13.54 25.71
N GLU A 346 8.96 12.43 26.07
CA GLU A 346 9.66 12.39 27.35
C GLU A 346 10.93 11.54 27.35
N TYR A 347 11.16 10.76 26.30
CA TYR A 347 12.34 9.89 26.26
C TYR A 347 13.29 10.33 25.14
N PRO A 348 14.29 11.16 25.45
CA PRO A 348 15.22 11.61 24.41
C PRO A 348 16.11 10.46 23.95
N LEU A 349 16.21 10.30 22.63
CA LEU A 349 17.02 9.28 22.01
C LEU A 349 18.11 9.94 21.17
N GLU A 350 19.31 9.39 21.22
CA GLU A 350 20.39 9.85 20.37
C GLU A 350 20.44 9.00 19.11
N LYS A 351 21.03 9.57 18.05
CA LYS A 351 21.18 8.84 16.80
C LYS A 351 21.84 7.49 17.05
N GLY A 352 21.24 6.43 16.50
CA GLY A 352 21.76 5.10 16.67
C GLY A 352 21.22 4.33 17.86
N ASP A 353 20.54 5.01 18.80
CA ASP A 353 19.95 4.31 19.93
C ASP A 353 18.96 3.26 19.45
N GLU A 354 18.93 2.12 20.14
CA GLU A 354 18.18 0.95 19.70
C GLU A 354 16.88 0.77 20.47
N LEU A 355 15.88 0.24 19.77
CA LEU A 355 14.58 -0.09 20.35
C LEU A 355 14.23 -1.53 20.00
N MET A 356 13.55 -2.21 20.94
CA MET A 356 12.92 -3.50 20.67
C MET A 356 11.41 -3.34 20.82
N VAL A 357 10.66 -3.85 19.84
CA VAL A 357 9.20 -3.85 19.89
C VAL A 357 8.76 -5.21 20.40
N LEU A 358 8.19 -5.24 21.62
CA LEU A 358 7.77 -6.49 22.24
C LEU A 358 6.32 -6.77 21.80
N ILE A 359 6.18 -7.51 20.71
CA ILE A 359 4.88 -7.60 20.04
C ILE A 359 3.80 -8.23 20.91
N PRO A 360 4.03 -9.32 21.64
CA PRO A 360 2.94 -9.85 22.48
C PRO A 360 2.43 -8.86 23.50
N GLN A 361 3.30 -7.96 23.99
CA GLN A 361 2.86 -6.94 24.95
C GLN A 361 2.08 -5.83 24.25
N LEU A 362 2.55 -5.40 23.08
CA LEU A 362 1.78 -4.45 22.26
C LEU A 362 0.35 -4.94 22.07
N HIS A 363 0.19 -6.21 21.73
CA HIS A 363 -1.11 -6.79 21.43
C HIS A 363 -1.97 -7.00 22.65
N ARG A 364 -1.46 -6.70 23.85
CA ARG A 364 -2.22 -6.76 25.09
C ARG A 364 -2.45 -5.38 25.69
N ASP A 365 -2.26 -4.32 24.90
CA ASP A 365 -2.48 -2.95 25.34
C ASP A 365 -3.97 -2.71 25.56
N LYS A 366 -4.39 -2.64 26.83
CA LYS A 366 -5.82 -2.50 27.13
C LYS A 366 -6.42 -1.20 26.61
N THR A 367 -5.61 -0.16 26.42
CA THR A 367 -6.15 1.07 25.85
C THR A 367 -6.62 0.87 24.42
N ILE A 368 -6.16 -0.18 23.75
CA ILE A 368 -6.52 -0.45 22.38
C ILE A 368 -7.61 -1.53 22.31
N TRP A 369 -7.42 -2.64 23.02
CA TRP A 369 -8.26 -3.80 22.84
C TRP A 369 -9.37 -3.93 23.90
N GLY A 370 -9.35 -3.11 24.94
CA GLY A 370 -10.32 -3.25 26.01
C GLY A 370 -9.81 -4.11 27.14
N ASP A 371 -10.70 -4.36 28.11
CA ASP A 371 -10.31 -5.12 29.29
C ASP A 371 -10.16 -6.62 28.98
N ASP A 372 -10.89 -7.12 28.01
CA ASP A 372 -10.88 -8.55 27.69
C ASP A 372 -9.73 -8.97 26.79
N VAL A 373 -8.53 -8.41 27.01
CA VAL A 373 -7.40 -8.63 26.10
C VAL A 373 -7.01 -10.10 26.02
N GLU A 374 -7.21 -10.85 27.11
CA GLU A 374 -6.78 -12.23 27.12
C GLU A 374 -7.80 -13.17 26.47
N GLU A 375 -8.97 -12.67 26.11
CA GLU A 375 -10.00 -13.51 25.51
C GLU A 375 -9.72 -13.67 24.02
N PHE A 376 -10.03 -14.86 23.50
CA PHE A 376 -9.85 -15.15 22.09
C PHE A 376 -11.16 -14.82 21.39
N ARG A 377 -11.20 -13.68 20.69
CA ARG A 377 -12.41 -13.20 20.03
C ARG A 377 -12.06 -12.73 18.63
N PRO A 378 -12.13 -13.62 17.64
CA PRO A 378 -11.81 -13.23 16.26
C PRO A 378 -12.60 -12.04 15.75
N GLU A 379 -13.78 -11.80 16.33
CA GLU A 379 -14.65 -10.69 15.92
C GLU A 379 -13.98 -9.33 16.07
N ARG A 380 -12.89 -9.24 16.83
CA ARG A 380 -12.15 -7.98 16.94
C ARG A 380 -11.66 -7.49 15.59
N PHE A 381 -11.47 -8.40 14.64
CA PHE A 381 -10.88 -8.10 13.35
C PHE A 381 -11.90 -7.98 12.23
N GLU A 382 -13.18 -7.80 12.56
CA GLU A 382 -14.19 -7.68 11.51
C GLU A 382 -13.92 -6.48 10.61
N ASN A 383 -13.45 -5.37 11.16
CA ASN A 383 -13.12 -4.16 10.39
C ASN A 383 -11.74 -3.62 10.69
N PRO A 384 -10.78 -3.71 9.76
CA PRO A 384 -9.44 -3.18 10.04
C PRO A 384 -9.41 -1.67 10.25
N SER A 385 -10.39 -0.91 9.73
CA SER A 385 -10.41 0.53 9.93
C SER A 385 -10.69 0.92 11.37
N ALA A 386 -11.32 0.03 12.15
CA ALA A 386 -11.62 0.33 13.55
C ALA A 386 -10.43 0.10 14.47
N ILE A 387 -9.36 -0.50 13.97
CA ILE A 387 -8.16 -0.77 14.76
C ILE A 387 -7.19 0.37 14.58
N PRO A 388 -6.69 0.98 15.66
CA PRO A 388 -5.80 2.13 15.54
C PRO A 388 -4.47 1.80 14.85
N GLN A 389 -3.83 2.85 14.35
CA GLN A 389 -2.58 2.69 13.61
C GLN A 389 -1.52 2.03 14.47
N HIS A 390 -0.87 1.00 13.92
CA HIS A 390 0.28 0.34 14.53
C HIS A 390 -0.07 -0.39 15.83
N ALA A 391 -1.33 -0.76 16.02
CA ALA A 391 -1.71 -1.54 17.19
C ALA A 391 -1.48 -3.02 17.00
N PHE A 392 -1.37 -3.47 15.75
CA PHE A 392 -1.33 -4.89 15.40
C PHE A 392 -0.17 -5.06 14.41
N LYS A 393 0.95 -5.63 14.88
CA LYS A 393 2.17 -5.67 14.07
C LYS A 393 2.83 -7.06 14.06
N PRO A 394 2.06 -8.13 13.83
CA PRO A 394 2.69 -9.46 13.81
C PRO A 394 3.65 -9.66 12.65
N PHE A 395 3.56 -8.84 11.60
CA PHE A 395 4.41 -8.97 10.42
C PHE A 395 5.41 -7.83 10.30
N GLY A 396 5.69 -7.12 11.39
CA GLY A 396 6.67 -6.06 11.35
C GLY A 396 6.07 -4.77 10.80
N ASN A 397 6.96 -3.92 10.28
CA ASN A 397 6.59 -2.56 9.95
C ASN A 397 7.23 -2.09 8.65
N GLY A 398 6.45 -1.36 7.85
CA GLY A 398 6.94 -0.57 6.73
C GLY A 398 7.58 -1.41 5.64
N GLN A 399 8.62 -0.84 5.02
CA GLN A 399 9.30 -1.52 3.92
C GLN A 399 10.07 -2.74 4.40
N ARG A 400 10.34 -2.85 5.71
CA ARG A 400 10.97 -4.03 6.28
C ARG A 400 9.93 -4.99 6.87
N ALA A 401 8.66 -4.82 6.52
CA ALA A 401 7.64 -5.76 6.95
C ALA A 401 7.84 -7.11 6.26
N CYS A 402 7.14 -8.12 6.77
CA CYS A 402 7.24 -9.46 6.25
C CYS A 402 6.85 -9.52 4.77
N ILE A 403 7.80 -9.89 3.92
CA ILE A 403 7.46 -10.09 2.51
C ILE A 403 6.59 -11.31 2.32
N GLY A 404 6.61 -12.26 3.26
CA GLY A 404 5.86 -13.49 3.13
C GLY A 404 4.48 -13.47 3.75
N GLN A 405 3.97 -12.28 4.07
CA GLN A 405 2.71 -12.18 4.82
C GLN A 405 1.56 -12.82 4.05
N GLN A 406 1.43 -12.51 2.75
CA GLN A 406 0.34 -13.07 1.97
C GLN A 406 0.53 -14.57 1.76
N PHE A 407 1.78 -15.01 1.61
CA PHE A 407 2.07 -16.45 1.52
C PHE A 407 1.65 -17.16 2.81
N ALA A 408 2.08 -16.62 3.96
CA ALA A 408 1.76 -17.25 5.24
C ALA A 408 0.26 -17.33 5.47
N LEU A 409 -0.46 -16.24 5.21
CA LEU A 409 -1.89 -16.22 5.50
C LEU A 409 -2.69 -17.05 4.51
N HIS A 410 -2.23 -17.14 3.26
CA HIS A 410 -2.90 -18.02 2.31
C HIS A 410 -2.69 -19.48 2.70
N GLU A 411 -1.45 -19.84 3.00
CA GLU A 411 -1.16 -21.20 3.48
C GLU A 411 -1.97 -21.53 4.73
N ALA A 412 -1.94 -20.66 5.73
CA ALA A 412 -2.60 -20.96 6.99
C ALA A 412 -4.12 -21.01 6.82
N THR A 413 -4.66 -20.12 5.98
CA THR A 413 -6.11 -20.13 5.78
C THR A 413 -6.56 -21.38 5.03
N LEU A 414 -5.81 -21.76 3.99
CA LEU A 414 -6.13 -22.98 3.25
C LEU A 414 -6.08 -24.21 4.16
N VAL A 415 -5.02 -24.34 4.94
CA VAL A 415 -4.83 -25.55 5.74
C VAL A 415 -5.84 -25.60 6.89
N LEU A 416 -6.02 -24.49 7.59
CA LEU A 416 -7.00 -24.47 8.67
C LEU A 416 -8.40 -24.73 8.14
N GLY A 417 -8.73 -24.17 6.98
CA GLY A 417 -10.03 -24.42 6.39
C GLY A 417 -10.24 -25.89 6.06
N MET A 418 -9.23 -26.52 5.47
CA MET A 418 -9.33 -27.95 5.18
C MET A 418 -9.41 -28.78 6.45
N MET A 419 -8.64 -28.40 7.47
CA MET A 419 -8.73 -29.11 8.76
C MET A 419 -10.13 -29.03 9.33
N LEU A 420 -10.76 -27.84 9.28
CA LEU A 420 -12.08 -27.67 9.87
C LEU A 420 -13.16 -28.33 9.02
N LYS A 421 -12.95 -28.46 7.72
CA LYS A 421 -13.93 -29.13 6.89
C LYS A 421 -13.95 -30.63 7.15
N HIS A 422 -12.78 -31.23 7.36
CA HIS A 422 -12.64 -32.67 7.31
C HIS A 422 -12.66 -33.37 8.67
N PHE A 423 -12.50 -32.64 9.77
CA PHE A 423 -12.36 -33.29 11.08
C PHE A 423 -13.09 -32.52 12.17
N ASP A 424 -13.59 -33.28 13.14
CA ASP A 424 -13.91 -32.77 14.47
C ASP A 424 -12.72 -32.99 15.37
N PHE A 425 -12.45 -32.02 16.24
CA PHE A 425 -11.25 -32.06 17.08
C PHE A 425 -11.61 -32.17 18.55
N GLU A 426 -10.83 -32.97 19.27
CA GLU A 426 -10.99 -33.16 20.70
C GLU A 426 -9.70 -32.80 21.41
N ASP A 427 -9.82 -31.95 22.44
CA ASP A 427 -8.73 -31.64 23.36
C ASP A 427 -8.70 -32.72 24.44
N HIS A 428 -8.23 -33.91 24.03
CA HIS A 428 -8.44 -35.11 24.84
C HIS A 428 -7.58 -35.13 26.09
N THR A 429 -6.50 -34.34 26.15
CA THR A 429 -5.68 -34.27 27.34
C THR A 429 -5.98 -33.05 28.20
N ASN A 430 -6.91 -32.20 27.79
CA ASN A 430 -7.10 -30.89 28.41
C ASN A 430 -5.76 -30.18 28.52
N TYR A 431 -5.17 -29.95 27.35
CA TYR A 431 -3.79 -29.51 27.24
C TYR A 431 -3.55 -28.17 27.92
N GLU A 432 -2.46 -28.10 28.70
CA GLU A 432 -2.05 -26.89 29.39
C GLU A 432 -1.04 -26.15 28.52
N LEU A 433 -1.38 -24.93 28.14
CA LEU A 433 -0.54 -24.18 27.21
C LEU A 433 0.88 -24.05 27.75
N ASP A 434 1.84 -24.49 26.95
CA ASP A 434 3.26 -24.47 27.29
C ASP A 434 3.98 -23.98 26.05
N ILE A 435 4.48 -22.75 26.09
CA ILE A 435 4.99 -22.09 24.90
C ILE A 435 6.50 -22.26 24.87
N LYS A 436 6.97 -23.02 23.88
CA LYS A 436 8.39 -23.20 23.67
C LYS A 436 8.94 -22.02 22.88
N GLU A 437 10.15 -21.59 23.23
CA GLU A 437 10.78 -20.45 22.60
C GLU A 437 12.05 -20.89 21.87
N THR A 438 12.12 -20.55 20.60
CA THR A 438 13.32 -20.73 19.79
C THR A 438 13.66 -19.36 19.22
N LEU A 439 13.87 -19.25 17.92
CA LEU A 439 13.74 -17.94 17.30
C LEU A 439 12.29 -17.47 17.34
N THR A 440 11.35 -18.40 17.50
CA THR A 440 9.92 -18.13 17.40
C THR A 440 9.20 -18.75 18.59
N LEU A 441 7.87 -18.66 18.58
CA LEU A 441 7.01 -19.16 19.65
C LEU A 441 6.09 -20.25 19.11
N LYS A 442 5.85 -21.29 19.90
CA LYS A 442 4.90 -22.33 19.51
C LYS A 442 4.44 -23.08 20.76
N PRO A 443 3.25 -23.71 20.71
CA PRO A 443 2.75 -24.44 21.88
C PRO A 443 3.29 -25.87 21.97
N GLU A 444 4.29 -26.07 22.83
CA GLU A 444 4.96 -27.36 22.90
C GLU A 444 4.06 -28.42 23.50
N GLY A 445 4.09 -29.62 22.91
CA GLY A 445 3.32 -30.74 23.41
C GLY A 445 1.84 -30.68 23.15
N PHE A 446 1.38 -29.75 22.32
CA PHE A 446 -0.04 -29.66 21.99
C PHE A 446 -0.44 -30.87 21.16
N VAL A 447 -1.42 -31.62 21.67
CA VAL A 447 -1.92 -32.82 21.00
C VAL A 447 -3.44 -32.77 21.00
N VAL A 448 -4.04 -33.35 19.95
CA VAL A 448 -5.49 -33.48 19.83
C VAL A 448 -5.80 -34.83 19.19
N LYS A 449 -7.08 -35.20 19.27
CA LYS A 449 -7.64 -36.31 18.51
C LYS A 449 -8.54 -35.74 17.42
N ALA A 450 -8.49 -36.32 16.23
CA ALA A 450 -9.32 -35.88 15.11
C ALA A 450 -10.23 -37.01 14.69
N LYS A 451 -11.54 -36.75 14.72
CA LYS A 451 -12.54 -37.69 14.22
C LYS A 451 -12.97 -37.23 12.84
N SER A 452 -12.77 -38.09 11.84
CA SER A 452 -13.02 -37.71 10.47
C SER A 452 -14.52 -37.51 10.23
N LYS A 453 -14.84 -36.45 9.46
CA LYS A 453 -16.19 -36.28 8.94
C LYS A 453 -16.45 -37.11 7.69
N LYS A 454 -15.45 -37.87 7.24
CA LYS A 454 -15.59 -38.83 6.14
C LYS A 454 -15.99 -38.14 4.84
N ILE A 455 -15.39 -36.99 4.57
CA ILE A 455 -15.64 -36.22 3.35
C ILE A 455 -14.49 -36.48 2.40
N PRO A 456 -14.74 -37.02 1.20
CA PRO A 456 -13.64 -37.41 0.31
C PRO A 456 -12.90 -36.20 -0.26
N LEU A 457 -11.68 -36.46 -0.68
CA LEU A 457 -10.81 -35.42 -1.24
C LEU A 457 -10.84 -35.43 -2.76
N LYS B 5 -11.25 -12.48 -29.32
CA LYS B 5 -10.86 -11.98 -30.63
C LYS B 5 -11.81 -10.88 -31.11
N GLU B 6 -13.09 -11.22 -31.21
CA GLU B 6 -14.11 -10.26 -31.62
C GLU B 6 -14.46 -9.36 -30.44
N MET B 7 -14.53 -8.07 -30.71
CA MET B 7 -14.56 -7.13 -29.61
C MET B 7 -16.00 -6.68 -29.31
N PRO B 8 -16.42 -6.71 -28.05
CA PRO B 8 -17.76 -6.22 -27.70
C PRO B 8 -17.90 -4.74 -28.02
N GLN B 9 -19.16 -4.32 -28.19
CA GLN B 9 -19.49 -2.94 -28.52
C GLN B 9 -20.89 -2.63 -28.00
N PRO B 10 -21.09 -1.47 -27.34
CA PRO B 10 -22.43 -1.14 -26.82
C PRO B 10 -23.42 -0.81 -27.91
N LYS B 11 -24.66 -0.49 -27.53
CA LYS B 11 -25.74 -0.30 -28.50
C LYS B 11 -25.45 0.89 -29.41
N THR B 12 -25.99 0.81 -30.63
CA THR B 12 -25.75 1.80 -31.66
C THR B 12 -27.03 2.57 -32.01
N PHE B 13 -26.84 3.70 -32.70
CA PHE B 13 -27.93 4.61 -33.06
C PHE B 13 -27.86 4.90 -34.56
N GLY B 14 -27.93 3.86 -35.38
CA GLY B 14 -27.85 4.06 -36.82
C GLY B 14 -26.56 4.74 -37.21
N GLU B 15 -26.68 5.80 -38.01
CA GLU B 15 -25.52 6.49 -38.55
C GLU B 15 -24.66 7.15 -37.48
N LEU B 16 -25.23 7.43 -36.31
CA LEU B 16 -24.47 8.04 -35.23
C LEU B 16 -23.66 7.03 -34.42
N LYS B 17 -23.79 5.74 -34.71
CA LYS B 17 -23.03 4.65 -34.08
C LYS B 17 -23.23 4.77 -32.57
N ASN B 18 -22.16 4.82 -31.76
CA ASN B 18 -22.29 4.90 -30.31
C ASN B 18 -22.35 6.32 -29.78
N LEU B 19 -22.16 7.34 -30.61
CA LEU B 19 -22.02 8.71 -30.11
C LEU B 19 -23.16 9.17 -29.20
N PRO B 20 -24.44 8.89 -29.47
CA PRO B 20 -25.49 9.35 -28.54
C PRO B 20 -25.35 8.81 -27.13
N LEU B 21 -24.60 7.73 -26.92
CA LEU B 21 -24.38 7.24 -25.56
C LEU B 21 -23.67 8.27 -24.70
N LEU B 22 -22.88 9.15 -25.32
CA LEU B 22 -22.20 10.21 -24.59
C LEU B 22 -23.07 11.42 -24.38
N ASN B 23 -24.25 11.46 -25.00
CA ASN B 23 -25.20 12.57 -24.83
C ASN B 23 -25.94 12.37 -23.51
N THR B 24 -25.20 12.58 -22.43
CA THR B 24 -25.71 12.40 -21.07
C THR B 24 -24.86 13.28 -20.16
N ASP B 25 -25.41 13.64 -19.00
CA ASP B 25 -24.61 14.49 -18.12
C ASP B 25 -23.58 13.70 -17.32
N LYS B 26 -23.63 12.37 -17.35
CA LYS B 26 -22.71 11.52 -16.60
C LYS B 26 -22.08 10.49 -17.53
N PRO B 27 -21.24 10.93 -18.48
CA PRO B 27 -20.75 9.98 -19.49
C PRO B 27 -19.76 8.96 -18.95
N VAL B 28 -18.88 9.35 -18.01
CA VAL B 28 -17.94 8.39 -17.44
C VAL B 28 -18.69 7.28 -16.72
N GLN B 29 -19.69 7.66 -15.92
CA GLN B 29 -20.48 6.66 -15.21
C GLN B 29 -21.27 5.78 -16.16
N ALA B 30 -21.71 6.32 -17.30
CA ALA B 30 -22.32 5.49 -18.33
C ALA B 30 -21.31 4.50 -18.90
N LEU B 31 -20.09 4.97 -19.18
CA LEU B 31 -19.05 4.10 -19.72
C LEU B 31 -18.67 3.01 -18.72
N MET B 32 -18.68 3.34 -17.42
CA MET B 32 -18.42 2.33 -16.39
C MET B 32 -19.48 1.24 -16.41
N LYS B 33 -20.75 1.62 -16.57
CA LYS B 33 -21.81 0.62 -16.61
C LYS B 33 -21.68 -0.26 -17.85
N ILE B 34 -21.29 0.33 -18.98
CA ILE B 34 -21.05 -0.46 -20.19
C ILE B 34 -19.92 -1.43 -19.96
N ALA B 35 -18.83 -0.97 -19.33
CA ALA B 35 -17.70 -1.85 -19.05
C ALA B 35 -18.13 -2.99 -18.12
N ASP B 36 -18.98 -2.70 -17.14
CA ASP B 36 -19.51 -3.77 -16.29
C ASP B 36 -20.21 -4.85 -17.12
N GLU B 37 -20.94 -4.44 -18.15
CA GLU B 37 -21.67 -5.40 -18.97
C GLU B 37 -20.76 -6.11 -19.97
N LEU B 38 -19.83 -5.39 -20.58
CA LEU B 38 -19.09 -5.91 -21.72
C LEU B 38 -17.71 -6.46 -21.37
N GLY B 39 -17.12 -6.04 -20.26
CA GLY B 39 -15.85 -6.59 -19.83
C GLY B 39 -14.67 -5.68 -20.06
N GLU B 40 -13.49 -6.30 -20.15
CA GLU B 40 -12.23 -5.58 -20.06
C GLU B 40 -11.94 -4.70 -21.27
N ILE B 41 -12.65 -4.88 -22.38
CA ILE B 41 -12.41 -4.05 -23.56
C ILE B 41 -13.69 -4.00 -24.39
N PHE B 42 -14.03 -2.80 -24.87
CA PHE B 42 -15.10 -2.68 -25.84
C PHE B 42 -14.76 -1.57 -26.83
N LYS B 43 -15.22 -1.76 -28.07
CA LYS B 43 -15.06 -0.77 -29.11
C LYS B 43 -16.10 0.33 -28.96
N PHE B 44 -15.71 1.57 -29.27
CA PHE B 44 -16.62 2.70 -29.24
C PHE B 44 -16.44 3.50 -30.51
N GLU B 45 -17.52 3.63 -31.28
CA GLU B 45 -17.49 4.28 -32.58
C GLU B 45 -18.36 5.52 -32.58
N ALA B 46 -17.88 6.55 -33.23
CA ALA B 46 -18.63 7.76 -33.55
C ALA B 46 -18.34 8.10 -35.00
N PRO B 47 -19.12 8.99 -35.62
CA PRO B 47 -18.79 9.44 -36.98
C PRO B 47 -17.36 9.95 -37.06
N GLY B 48 -16.54 9.28 -37.88
CA GLY B 48 -15.15 9.68 -38.03
C GLY B 48 -14.25 9.36 -36.87
N ARG B 49 -14.65 8.46 -35.97
CA ARG B 49 -13.87 8.15 -34.78
C ARG B 49 -14.08 6.70 -34.37
N VAL B 50 -12.97 6.01 -34.07
CA VAL B 50 -13.01 4.68 -33.47
C VAL B 50 -12.04 4.67 -32.29
N THR B 51 -12.51 4.19 -31.14
CA THR B 51 -11.62 3.97 -30.00
C THR B 51 -12.07 2.73 -29.25
N ARG B 52 -11.24 2.32 -28.29
CA ARG B 52 -11.45 1.10 -27.53
C ARG B 52 -11.21 1.40 -26.05
N TYR B 53 -12.21 1.12 -25.22
CA TYR B 53 -12.11 1.42 -23.79
C TYR B 53 -11.57 0.21 -23.04
N LEU B 54 -10.49 0.41 -22.29
CA LEU B 54 -9.85 -0.64 -21.50
C LEU B 54 -10.20 -0.50 -20.03
N SER B 55 -10.46 -1.63 -19.37
CA SER B 55 -10.86 -1.61 -17.97
C SER B 55 -10.10 -2.59 -17.07
N SER B 56 -9.28 -3.48 -17.62
CA SER B 56 -8.57 -4.47 -16.82
C SER B 56 -7.09 -4.11 -16.71
N GLN B 57 -6.50 -4.44 -15.56
CA GLN B 57 -5.07 -4.25 -15.40
C GLN B 57 -4.28 -5.08 -16.41
N ARG B 58 -4.81 -6.26 -16.79
CA ARG B 58 -4.14 -7.12 -17.75
C ARG B 58 -3.87 -6.39 -19.07
N LEU B 59 -4.88 -5.69 -19.59
CA LEU B 59 -4.71 -4.98 -20.85
C LEU B 59 -4.10 -3.60 -20.67
N ILE B 60 -4.41 -2.92 -19.56
CA ILE B 60 -3.92 -1.56 -19.38
C ILE B 60 -2.41 -1.55 -19.12
N LYS B 61 -1.88 -2.61 -18.51
CA LYS B 61 -0.43 -2.66 -18.31
C LYS B 61 0.32 -2.73 -19.63
N GLU B 62 -0.29 -3.37 -20.64
CA GLU B 62 0.34 -3.38 -21.97
C GLU B 62 0.20 -2.02 -22.64
N ALA B 63 -0.98 -1.39 -22.51
CA ALA B 63 -1.17 -0.06 -23.08
C ALA B 63 -0.19 0.94 -22.50
N CYS B 64 0.27 0.71 -21.27
CA CYS B 64 1.21 1.60 -20.61
C CYS B 64 2.66 1.29 -20.96
N ASP B 65 2.90 0.34 -21.85
CA ASP B 65 4.24 0.10 -22.38
C ASP B 65 4.57 1.22 -23.35
N GLU B 66 5.45 2.13 -22.93
CA GLU B 66 5.75 3.31 -23.73
C GLU B 66 6.50 2.99 -25.01
N SER B 67 7.11 1.80 -25.11
CA SER B 67 7.73 1.39 -26.36
C SER B 67 6.69 1.04 -27.42
N ARG B 68 5.46 0.75 -27.02
CA ARG B 68 4.40 0.36 -27.92
C ARG B 68 3.30 1.40 -28.08
N PHE B 69 3.07 2.23 -27.07
CA PHE B 69 1.99 3.21 -27.09
C PHE B 69 2.47 4.55 -26.55
N ASP B 70 1.99 5.63 -27.17
CA ASP B 70 2.28 7.00 -26.78
C ASP B 70 0.96 7.69 -26.42
N LYS B 71 1.07 8.83 -25.73
CA LYS B 71 -0.14 9.58 -25.35
C LYS B 71 -0.87 10.09 -26.58
N ASN B 72 -2.18 9.93 -26.59
CA ASN B 72 -3.05 10.47 -27.62
C ASN B 72 -3.87 11.62 -27.04
N LEU B 73 -4.13 12.62 -27.88
CA LEU B 73 -5.08 13.66 -27.50
C LEU B 73 -6.49 13.15 -27.80
N SER B 74 -7.23 12.83 -26.74
CA SER B 74 -8.65 12.57 -26.87
C SER B 74 -9.36 13.78 -27.46
N GLN B 75 -10.63 13.59 -27.83
CA GLN B 75 -11.40 14.72 -28.33
C GLN B 75 -11.54 15.79 -27.27
N ALA B 76 -11.69 15.38 -26.00
CA ALA B 76 -11.72 16.35 -24.91
C ALA B 76 -10.45 17.19 -24.89
N LEU B 77 -9.28 16.54 -24.94
CA LEU B 77 -8.03 17.27 -24.90
C LEU B 77 -7.82 18.12 -26.17
N LYS B 78 -8.29 17.65 -27.31
CA LYS B 78 -8.18 18.44 -28.54
C LYS B 78 -8.98 19.73 -28.44
N PHE B 79 -10.17 19.67 -27.81
CA PHE B 79 -10.96 20.87 -27.65
C PHE B 79 -10.39 21.78 -26.56
N VAL B 80 -9.83 21.18 -25.50
CA VAL B 80 -9.19 21.97 -24.47
C VAL B 80 -7.94 22.68 -25.02
N ARG B 81 -7.26 22.05 -25.98
CA ARG B 81 -6.08 22.66 -26.61
C ARG B 81 -6.40 24.02 -27.23
N ASP B 82 -7.67 24.29 -27.56
CA ASP B 82 -8.01 25.58 -28.13
C ASP B 82 -7.81 26.74 -27.17
N PHE B 83 -7.72 26.47 -25.86
CA PHE B 83 -7.28 27.50 -24.92
C PHE B 83 -6.06 27.12 -24.10
N ALA B 84 -5.70 25.84 -24.02
CA ALA B 84 -4.49 25.44 -23.33
C ALA B 84 -3.28 25.32 -24.25
N GLY B 85 -3.48 25.45 -25.57
CA GLY B 85 -2.39 25.55 -26.53
C GLY B 85 -1.46 24.35 -26.49
N ASP B 86 -0.17 24.60 -26.72
CA ASP B 86 0.81 23.54 -26.56
C ASP B 86 1.44 23.54 -25.18
N GLY B 87 0.64 23.84 -24.16
CA GLY B 87 1.00 23.50 -22.80
C GLY B 87 1.20 22.01 -22.65
N LEU B 88 1.67 21.60 -21.46
CA LEU B 88 2.15 20.23 -21.28
C LEU B 88 1.03 19.21 -21.49
N ALA B 89 -0.17 19.48 -20.99
CA ALA B 89 -1.21 18.47 -21.02
C ALA B 89 -1.85 18.28 -22.40
N THR B 90 -1.78 19.28 -23.28
CA THR B 90 -2.46 19.21 -24.57
C THR B 90 -1.48 19.23 -25.73
N SER B 91 -0.21 18.88 -25.48
CA SER B 91 0.81 18.75 -26.52
CA SER B 91 0.75 18.76 -26.57
C SER B 91 1.08 17.29 -26.85
N TRP B 92 1.42 17.02 -28.11
CA TRP B 92 1.89 15.69 -28.47
C TRP B 92 3.32 15.53 -27.99
N THR B 93 3.70 14.28 -27.68
CA THR B 93 5.03 14.01 -27.14
C THR B 93 6.13 14.44 -28.10
N HIS B 94 5.87 14.42 -29.40
CA HIS B 94 6.85 14.73 -30.42
C HIS B 94 6.92 16.21 -30.77
N GLU B 95 6.06 17.04 -30.20
CA GLU B 95 6.12 18.47 -30.41
C GLU B 95 7.28 19.04 -29.59
N LYS B 96 8.06 19.93 -30.22
CA LYS B 96 9.25 20.48 -29.59
C LYS B 96 8.93 21.07 -28.21
N ASN B 97 7.79 21.74 -28.08
CA ASN B 97 7.47 22.40 -26.82
C ASN B 97 7.07 21.45 -25.70
N TRP B 98 6.75 20.19 -25.98
CA TRP B 98 6.47 19.29 -24.86
C TRP B 98 7.75 18.97 -24.08
N LYS B 99 8.75 18.40 -24.77
CA LYS B 99 9.96 17.99 -24.06
C LYS B 99 10.69 19.19 -23.49
N LYS B 100 10.68 20.31 -24.22
CA LYS B 100 11.28 21.54 -23.72
C LYS B 100 10.66 21.96 -22.40
N ALA B 101 9.32 22.08 -22.37
CA ALA B 101 8.65 22.51 -21.15
C ALA B 101 8.73 21.44 -20.07
N HIS B 102 8.71 20.16 -20.47
CA HIS B 102 8.87 19.06 -19.53
C HIS B 102 10.22 19.15 -18.81
N ASN B 103 11.30 19.31 -19.57
CA ASN B 103 12.63 19.41 -18.96
C ASN B 103 12.75 20.62 -18.05
N ILE B 104 12.16 21.75 -18.44
CA ILE B 104 12.29 22.97 -17.65
C ILE B 104 11.48 22.86 -16.37
N LEU B 105 10.26 22.33 -16.47
CA LEU B 105 9.32 22.38 -15.35
C LEU B 105 9.45 21.22 -14.37
N LEU B 106 10.03 20.08 -14.78
CA LEU B 106 10.10 18.93 -13.89
C LEU B 106 10.76 19.24 -12.55
N PRO B 107 11.92 19.90 -12.48
CA PRO B 107 12.50 20.21 -11.16
C PRO B 107 11.64 21.13 -10.32
N SER B 108 10.83 21.98 -10.91
CA SER B 108 9.98 22.87 -10.14
C SER B 108 8.69 22.20 -9.66
N PHE B 109 8.50 20.92 -9.99
CA PHE B 109 7.34 20.16 -9.51
C PHE B 109 7.76 18.97 -8.64
N SER B 110 9.04 18.88 -8.28
CA SER B 110 9.51 17.75 -7.50
C SER B 110 9.05 17.86 -6.04
N GLN B 111 9.17 16.75 -5.32
CA GLN B 111 8.89 16.75 -3.89
C GLN B 111 9.72 17.80 -3.17
N GLN B 112 11.00 17.93 -3.55
CA GLN B 112 11.85 18.93 -2.94
C GLN B 112 11.37 20.34 -3.24
N ALA B 113 10.81 20.57 -4.42
CA ALA B 113 10.29 21.88 -4.77
C ALA B 113 9.06 22.27 -3.97
N MET B 114 8.34 21.29 -3.41
CA MET B 114 7.17 21.60 -2.60
C MET B 114 7.52 22.41 -1.37
N LYS B 115 8.77 22.30 -0.88
CA LYS B 115 9.19 23.12 0.25
C LYS B 115 9.03 24.61 -0.04
N GLY B 116 9.22 25.03 -1.30
CA GLY B 116 9.10 26.43 -1.65
C GLY B 116 7.70 26.93 -1.89
N TYR B 117 6.77 26.03 -2.25
CA TYR B 117 5.38 26.38 -2.41
C TYR B 117 4.59 26.30 -1.11
N HIS B 118 5.17 25.69 -0.07
CA HIS B 118 4.39 25.35 1.12
C HIS B 118 3.78 26.58 1.77
N ALA B 119 4.54 27.67 1.88
CA ALA B 119 4.02 28.86 2.56
C ALA B 119 2.80 29.42 1.84
N MET B 120 2.82 29.40 0.49
CA MET B 120 1.67 29.90 -0.27
C MET B 120 0.47 28.97 -0.11
N MET B 121 0.72 27.65 -0.09
CA MET B 121 -0.37 26.71 0.16
C MET B 121 -1.00 26.95 1.53
N VAL B 122 -0.16 27.22 2.54
CA VAL B 122 -0.68 27.46 3.88
C VAL B 122 -1.52 28.73 3.91
N ASP B 123 -1.11 29.75 3.15
CA ASP B 123 -1.84 31.01 3.09
C ASP B 123 -3.31 30.77 2.74
N ILE B 124 -3.57 30.04 1.66
CA ILE B 124 -4.94 29.79 1.24
C ILE B 124 -5.64 28.82 2.20
N ALA B 125 -4.90 27.80 2.68
CA ALA B 125 -5.50 26.83 3.59
C ALA B 125 -6.01 27.50 4.86
N VAL B 126 -5.23 28.43 5.41
CA VAL B 126 -5.67 29.15 6.60
C VAL B 126 -6.92 29.98 6.30
N GLN B 127 -6.99 30.56 5.10
CA GLN B 127 -8.21 31.27 4.72
C GLN B 127 -9.42 30.34 4.72
N LEU B 128 -9.25 29.11 4.24
CA LEU B 128 -10.33 28.13 4.26
C LEU B 128 -10.76 27.82 5.69
N VAL B 129 -9.79 27.52 6.56
CA VAL B 129 -10.11 27.20 7.95
C VAL B 129 -10.80 28.38 8.62
N GLN B 130 -10.30 29.60 8.39
CA GLN B 130 -10.92 30.78 9.00
C GLN B 130 -12.35 30.98 8.52
N LYS B 131 -12.62 30.72 7.24
CA LYS B 131 -13.99 30.80 6.76
C LYS B 131 -14.90 29.87 7.57
N TRP B 132 -14.46 28.62 7.74
CA TRP B 132 -15.30 27.66 8.45
C TRP B 132 -15.37 27.96 9.93
N GLU B 133 -14.30 28.53 10.51
CA GLU B 133 -14.35 28.96 11.90
C GLU B 133 -15.37 30.07 12.12
N ARG B 134 -15.64 30.87 11.10
CA ARG B 134 -16.50 32.03 11.22
C ARG B 134 -17.94 31.77 10.83
N LEU B 135 -18.28 30.52 10.49
CA LEU B 135 -19.66 30.19 10.20
C LEU B 135 -20.49 30.23 11.48
N ASN B 136 -21.74 30.64 11.34
CA ASN B 136 -22.64 30.63 12.48
C ASN B 136 -23.17 29.23 12.72
N ALA B 137 -23.76 29.04 13.91
CA ALA B 137 -24.31 27.74 14.27
C ALA B 137 -25.31 27.28 13.22
N ASP B 138 -25.21 26.00 12.84
CA ASP B 138 -26.13 25.33 11.94
C ASP B 138 -26.17 25.95 10.54
N GLU B 139 -25.25 26.86 10.22
CA GLU B 139 -24.89 27.05 8.83
C GLU B 139 -24.06 25.85 8.39
N HIS B 140 -23.98 25.65 7.08
CA HIS B 140 -23.28 24.48 6.56
C HIS B 140 -22.26 24.88 5.51
N ILE B 141 -21.47 23.88 5.11
CA ILE B 141 -20.38 24.05 4.16
C ILE B 141 -20.79 23.44 2.83
N GLU B 142 -20.59 24.19 1.75
CA GLU B 142 -20.71 23.65 0.40
C GLU B 142 -19.32 23.16 0.02
N VAL B 143 -19.11 21.84 0.08
CA VAL B 143 -17.76 21.28 0.10
C VAL B 143 -17.05 21.48 -1.23
N PRO B 144 -17.54 20.95 -2.37
CA PRO B 144 -16.80 21.17 -3.63
C PRO B 144 -16.62 22.63 -3.98
N GLU B 145 -17.60 23.47 -3.65
CA GLU B 145 -17.48 24.90 -3.92
C GLU B 145 -16.29 25.50 -3.18
N ASP B 146 -16.16 25.20 -1.89
CA ASP B 146 -15.05 25.75 -1.11
C ASP B 146 -13.72 25.11 -1.50
N MET B 147 -13.73 23.81 -1.82
CA MET B 147 -12.50 23.17 -2.25
C MET B 147 -11.99 23.76 -3.56
N THR B 148 -12.90 24.12 -4.46
CA THR B 148 -12.50 24.73 -5.72
C THR B 148 -11.98 26.15 -5.49
N ARG B 149 -12.61 26.89 -4.56
CA ARG B 149 -12.06 28.19 -4.17
C ARG B 149 -10.61 28.04 -3.71
N LEU B 150 -10.34 27.01 -2.90
CA LEU B 150 -9.00 26.81 -2.36
C LEU B 150 -8.00 26.43 -3.44
N THR B 151 -8.34 25.44 -4.29
CA THR B 151 -7.35 24.97 -5.26
C THR B 151 -7.06 26.01 -6.33
N LEU B 152 -8.08 26.73 -6.79
CA LEU B 152 -7.84 27.78 -7.77
C LEU B 152 -6.95 28.87 -7.20
N ASP B 153 -7.23 29.31 -5.98
CA ASP B 153 -6.42 30.35 -5.36
C ASP B 153 -5.00 29.86 -5.07
N THR B 154 -4.86 28.59 -4.68
CA THR B 154 -3.54 28.05 -4.42
C THR B 154 -2.71 27.96 -5.69
N ILE B 155 -3.30 27.47 -6.79
CA ILE B 155 -2.57 27.41 -8.05
C ILE B 155 -2.31 28.82 -8.56
N GLY B 156 -3.25 29.74 -8.35
CA GLY B 156 -3.01 31.12 -8.75
C GLY B 156 -1.82 31.72 -8.04
N LEU B 157 -1.70 31.48 -6.73
CA LEU B 157 -0.59 32.02 -5.95
C LEU B 157 0.72 31.33 -6.29
N CYS B 158 0.73 29.99 -6.26
CA CYS B 158 1.94 29.24 -6.56
C CYS B 158 2.31 29.33 -8.03
N GLY B 159 1.33 29.45 -8.92
CA GLY B 159 1.60 29.51 -10.34
C GLY B 159 2.19 30.82 -10.83
N PHE B 160 1.59 31.96 -10.44
CA PHE B 160 2.09 33.25 -10.93
C PHE B 160 1.84 34.38 -9.93
N ASN B 161 1.77 34.06 -8.65
CA ASN B 161 1.72 35.05 -7.56
C ASN B 161 0.57 36.04 -7.75
N TYR B 162 -0.57 35.50 -8.15
CA TYR B 162 -1.79 36.27 -8.38
C TYR B 162 -2.87 35.78 -7.43
N ARG B 163 -3.60 36.71 -6.82
CA ARG B 163 -4.64 36.36 -5.86
C ARG B 163 -6.01 36.52 -6.50
N PHE B 164 -6.67 35.38 -6.74
CA PHE B 164 -8.05 35.42 -7.23
C PHE B 164 -9.00 35.86 -6.12
N ASN B 165 -8.59 35.71 -4.86
CA ASN B 165 -9.37 36.17 -3.71
C ASN B 165 -10.78 35.58 -3.75
N SER B 166 -10.83 34.27 -4.03
CA SER B 166 -12.10 33.58 -4.18
C SER B 166 -12.90 33.54 -2.88
N PHE B 167 -12.24 33.59 -1.73
CA PHE B 167 -12.96 33.54 -0.47
C PHE B 167 -13.56 34.90 -0.09
N TYR B 168 -13.35 35.92 -0.92
CA TYR B 168 -13.95 37.22 -0.74
C TYR B 168 -15.13 37.45 -1.67
N ARG B 169 -15.61 36.40 -2.34
CA ARG B 169 -16.51 36.56 -3.47
C ARG B 169 -17.62 35.52 -3.46
N ASP B 170 -18.76 35.90 -4.03
CA ASP B 170 -19.78 34.96 -4.46
C ASP B 170 -19.63 34.69 -5.95
N GLN B 171 -19.40 35.75 -6.73
CA GLN B 171 -19.11 35.62 -8.15
C GLN B 171 -17.61 35.54 -8.32
N PRO B 172 -17.07 34.47 -8.91
CA PRO B 172 -15.60 34.33 -8.99
C PRO B 172 -14.98 35.42 -9.84
N HIS B 173 -13.66 35.52 -9.72
CA HIS B 173 -12.89 36.42 -10.56
C HIS B 173 -13.23 36.16 -12.02
N PRO B 174 -13.36 37.20 -12.84
CA PRO B 174 -13.75 37.00 -14.25
C PRO B 174 -12.93 35.97 -14.99
N PHE B 175 -11.64 35.82 -14.65
CA PHE B 175 -10.83 34.79 -15.28
C PHE B 175 -11.38 33.40 -15.00
N ILE B 176 -11.78 33.14 -13.76
CA ILE B 176 -12.32 31.83 -13.40
C ILE B 176 -13.63 31.58 -14.10
N THR B 177 -14.49 32.60 -14.18
CA THR B 177 -15.78 32.44 -14.85
C THR B 177 -15.59 32.09 -16.33
N SER B 178 -14.67 32.77 -17.01
CA SER B 178 -14.37 32.42 -18.39
C SER B 178 -13.72 31.04 -18.49
N MET B 179 -12.83 30.71 -17.55
CA MET B 179 -12.18 29.41 -17.57
C MET B 179 -13.19 28.28 -17.45
N VAL B 180 -14.09 28.39 -16.48
CA VAL B 180 -15.09 27.35 -16.27
C VAL B 180 -16.00 27.23 -17.49
N ARG B 181 -16.41 28.36 -18.05
CA ARG B 181 -17.28 28.34 -19.23
C ARG B 181 -16.56 27.78 -20.45
N ALA B 182 -15.25 28.06 -20.59
CA ALA B 182 -14.50 27.49 -21.71
C ALA B 182 -14.40 25.98 -21.58
N LEU B 183 -14.15 25.48 -20.37
CA LEU B 183 -14.12 24.04 -20.17
C LEU B 183 -15.47 23.40 -20.46
N ASP B 184 -16.56 24.07 -20.06
CA ASP B 184 -17.90 23.54 -20.33
C ASP B 184 -18.16 23.45 -21.83
N GLU B 185 -17.77 24.47 -22.58
CA GLU B 185 -17.97 24.45 -24.03
C GLU B 185 -17.19 23.31 -24.68
N ALA B 186 -15.94 23.10 -24.25
CA ALA B 186 -15.15 22.01 -24.81
C ALA B 186 -15.81 20.66 -24.57
N MET B 187 -16.29 20.42 -23.34
CA MET B 187 -16.92 19.15 -23.02
C MET B 187 -18.31 19.02 -23.66
N ASN B 188 -19.06 20.11 -23.75
CA ASN B 188 -20.36 20.07 -24.41
C ASN B 188 -20.23 19.80 -25.90
N LYS B 189 -19.16 20.27 -26.53
CA LYS B 189 -18.98 20.02 -27.96
C LYS B 189 -18.89 18.54 -28.27
N LEU B 190 -18.41 17.73 -27.31
CA LEU B 190 -18.25 16.30 -27.54
C LEU B 190 -19.58 15.64 -27.88
N GLN B 191 -20.63 15.99 -27.14
CA GLN B 191 -21.93 15.35 -27.19
C GLN B 191 -22.80 15.83 -28.35
N ARG B 192 -22.41 16.90 -29.03
CA ARG B 192 -23.20 17.43 -30.13
C ARG B 192 -23.22 16.49 -31.33
N ASP B 197 -25.67 22.92 -36.96
CA ASP B 197 -24.74 23.62 -36.08
C ASP B 197 -25.12 25.07 -35.87
N PRO B 198 -26.15 25.54 -36.58
CA PRO B 198 -26.47 26.98 -36.50
C PRO B 198 -26.83 27.50 -35.11
N ALA B 199 -27.47 26.68 -34.29
CA ALA B 199 -27.84 27.08 -32.93
C ALA B 199 -26.64 27.28 -32.01
N TYR B 200 -25.50 26.67 -32.31
CA TYR B 200 -24.30 26.71 -31.48
C TYR B 200 -23.44 27.94 -31.74
N ASP B 201 -23.92 28.90 -32.55
CA ASP B 201 -23.14 30.08 -32.89
C ASP B 201 -22.88 30.99 -31.69
N GLU B 202 -23.87 31.16 -30.79
CA GLU B 202 -23.61 31.97 -29.60
C GLU B 202 -22.55 31.32 -28.73
N ASN B 203 -22.57 29.98 -28.63
CA ASN B 203 -21.55 29.26 -27.85
C ASN B 203 -20.17 29.57 -28.39
N LYS B 204 -20.03 29.53 -29.72
CA LYS B 204 -18.75 29.80 -30.36
C LYS B 204 -18.29 31.21 -30.06
N ARG B 205 -19.21 32.18 -30.11
CA ARG B 205 -18.83 33.57 -29.83
C ARG B 205 -18.38 33.72 -28.39
N GLN B 206 -19.11 33.11 -27.45
CA GLN B 206 -18.75 33.18 -26.04
C GLN B 206 -17.40 32.52 -25.80
N PHE B 207 -17.15 31.40 -26.48
CA PHE B 207 -15.90 30.65 -26.31
C PHE B 207 -14.70 31.52 -26.69
N GLN B 208 -14.78 32.23 -27.81
CA GLN B 208 -13.71 33.13 -28.22
C GLN B 208 -13.56 34.28 -27.23
N GLU B 209 -14.68 34.78 -26.69
CA GLU B 209 -14.61 35.82 -25.68
C GLU B 209 -13.93 35.32 -24.42
N ASP B 210 -14.24 34.07 -24.02
CA ASP B 210 -13.63 33.50 -22.83
C ASP B 210 -12.14 33.24 -23.03
N ILE B 211 -11.75 32.80 -24.23
CA ILE B 211 -10.34 32.61 -24.52
C ILE B 211 -9.58 33.94 -24.39
N LYS B 212 -10.18 35.02 -24.89
CA LYS B 212 -9.53 36.33 -24.82
C LYS B 212 -9.36 36.77 -23.38
N VAL B 213 -10.36 36.52 -22.53
CA VAL B 213 -10.27 36.92 -21.12
C VAL B 213 -9.07 36.23 -20.46
N MET B 214 -8.93 34.92 -20.70
CA MET B 214 -7.84 34.17 -20.09
C MET B 214 -6.48 34.62 -20.61
N ASN B 215 -6.37 34.75 -21.95
CA ASN B 215 -5.10 35.19 -22.53
C ASN B 215 -4.72 36.59 -22.04
N ASP B 216 -5.68 37.50 -21.98
CA ASP B 216 -5.37 38.88 -21.62
C ASP B 216 -4.82 38.97 -20.20
N LEU B 217 -5.45 38.29 -19.24
CA LEU B 217 -4.97 38.37 -17.86
C LEU B 217 -3.60 37.74 -17.72
N VAL B 218 -3.41 36.54 -18.25
CA VAL B 218 -2.13 35.85 -18.11
C VAL B 218 -1.03 36.61 -18.86
N ASP B 219 -1.30 37.05 -20.08
CA ASP B 219 -0.30 37.82 -20.83
C ASP B 219 0.06 39.10 -20.09
N LYS B 220 -0.93 39.73 -19.46
CA LYS B 220 -0.68 40.96 -18.71
C LYS B 220 0.24 40.69 -17.53
N ILE B 221 -0.03 39.63 -16.77
CA ILE B 221 0.78 39.34 -15.59
C ILE B 221 2.21 38.99 -16.00
N ILE B 222 2.36 38.22 -17.08
CA ILE B 222 3.69 37.90 -17.57
C ILE B 222 4.44 39.18 -17.93
N ALA B 223 3.78 40.07 -18.67
CA ALA B 223 4.39 41.34 -19.06
C ALA B 223 4.71 42.19 -17.84
N ASP B 224 3.77 42.27 -16.88
CA ASP B 224 4.02 42.99 -15.65
C ASP B 224 5.27 42.48 -14.96
N ARG B 225 5.43 41.15 -14.89
CA ARG B 225 6.55 40.55 -14.17
C ARG B 225 7.88 40.81 -14.88
N LYS B 226 7.89 40.73 -16.21
CA LYS B 226 9.13 41.00 -16.94
C LYS B 226 9.54 42.47 -16.78
N ALA B 227 8.57 43.38 -16.74
CA ALA B 227 8.90 44.78 -16.58
C ALA B 227 9.39 45.10 -15.18
N SER B 228 8.76 44.51 -14.15
CA SER B 228 9.15 44.80 -12.78
C SER B 228 10.50 44.16 -12.45
N GLY B 229 10.73 42.96 -12.95
CA GLY B 229 11.90 42.19 -12.56
C GLY B 229 11.76 41.47 -11.23
N GLU B 230 10.58 41.50 -10.62
CA GLU B 230 10.42 40.88 -9.31
C GLU B 230 10.59 39.37 -9.39
N GLN B 231 11.23 38.81 -8.38
CA GLN B 231 11.41 37.37 -8.24
C GLN B 231 10.52 36.88 -7.11
N SER B 232 9.73 35.84 -7.37
CA SER B 232 8.89 35.23 -6.36
C SER B 232 9.18 33.74 -6.31
N ASP B 233 8.50 33.04 -5.40
CA ASP B 233 8.61 31.60 -5.28
C ASP B 233 7.56 30.89 -6.12
N ASP B 234 7.25 31.43 -7.30
CA ASP B 234 6.18 30.89 -8.12
C ASP B 234 6.74 30.25 -9.38
N LEU B 235 5.87 29.50 -10.06
CA LEU B 235 6.25 28.84 -11.30
C LEU B 235 6.58 29.83 -12.41
N LEU B 236 5.94 31.00 -12.40
CA LEU B 236 6.22 32.00 -13.43
C LEU B 236 7.67 32.45 -13.38
N THR B 237 8.18 32.72 -12.17
CA THR B 237 9.59 33.07 -12.03
C THR B 237 10.49 31.96 -12.56
N HIS B 238 10.17 30.70 -12.21
CA HIS B 238 10.96 29.58 -12.71
C HIS B 238 10.97 29.51 -14.23
N MET B 239 9.83 29.78 -14.86
CA MET B 239 9.77 29.70 -16.32
C MET B 239 10.44 30.89 -17.00
N LEU B 240 10.42 32.06 -16.38
CA LEU B 240 11.12 33.20 -16.96
C LEU B 240 12.63 33.03 -16.92
N ASN B 241 13.14 32.26 -15.95
CA ASN B 241 14.57 32.10 -15.78
C ASN B 241 15.10 30.75 -16.27
N GLY B 242 14.23 29.77 -16.50
CA GLY B 242 14.70 28.43 -16.81
C GLY B 242 15.13 28.28 -18.26
N LYS B 243 16.06 27.35 -18.47
CA LYS B 243 16.50 26.96 -19.81
C LYS B 243 16.49 25.44 -19.92
N ASP B 244 15.96 24.95 -21.03
CA ASP B 244 16.00 23.53 -21.34
C ASP B 244 17.44 23.07 -21.54
N PRO B 245 17.93 22.10 -20.76
CA PRO B 245 19.31 21.61 -20.99
C PRO B 245 19.52 21.06 -22.38
N GLU B 246 18.48 20.47 -22.99
CA GLU B 246 18.60 19.85 -24.31
C GLU B 246 18.78 20.90 -25.40
N THR B 247 17.75 21.73 -25.61
CA THR B 247 17.83 22.75 -26.65
C THR B 247 18.63 23.96 -26.23
N GLY B 248 18.83 24.17 -24.93
CA GLY B 248 19.43 25.39 -24.44
C GLY B 248 18.49 26.58 -24.45
N GLU B 249 17.22 26.39 -24.85
CA GLU B 249 16.25 27.44 -25.03
C GLU B 249 15.35 27.60 -23.81
N PRO B 250 14.94 28.82 -23.51
CA PRO B 250 13.87 29.04 -22.54
C PRO B 250 12.52 28.95 -23.23
N LEU B 251 11.47 28.84 -22.41
CA LEU B 251 10.12 28.95 -22.94
C LEU B 251 9.85 30.39 -23.38
N ASP B 252 9.15 30.53 -24.50
CA ASP B 252 8.77 31.86 -24.94
C ASP B 252 7.52 32.32 -24.18
N ASP B 253 7.20 33.60 -24.32
CA ASP B 253 6.12 34.19 -23.52
C ASP B 253 4.76 33.55 -23.84
N GLU B 254 4.52 33.17 -25.10
CA GLU B 254 3.25 32.55 -25.44
C GLU B 254 3.12 31.18 -24.77
N ASN B 255 4.20 30.38 -24.78
CA ASN B 255 4.11 29.07 -24.16
C ASN B 255 4.02 29.19 -22.64
N ILE B 256 4.72 30.15 -22.05
CA ILE B 256 4.57 30.38 -20.61
C ILE B 256 3.11 30.63 -20.27
N ARG B 257 2.42 31.43 -21.09
CA ARG B 257 1.00 31.68 -20.86
C ARG B 257 0.20 30.38 -20.91
N TYR B 258 0.47 29.55 -21.93
CA TYR B 258 -0.26 28.29 -22.04
C TYR B 258 0.03 27.37 -20.87
N GLN B 259 1.25 27.38 -20.34
CA GLN B 259 1.54 26.55 -19.16
C GLN B 259 0.76 27.04 -17.95
N ILE B 260 0.68 28.36 -17.75
CA ILE B 260 -0.06 28.90 -16.61
C ILE B 260 -1.53 28.55 -16.72
N ILE B 261 -2.10 28.77 -17.91
CA ILE B 261 -3.48 28.36 -18.16
C ILE B 261 -3.64 26.86 -17.90
N THR B 262 -2.65 26.07 -18.31
CA THR B 262 -2.72 24.61 -18.11
C THR B 262 -2.73 24.25 -16.64
N PHE B 263 -1.84 24.86 -15.84
CA PHE B 263 -1.83 24.56 -14.41
C PHE B 263 -3.21 24.79 -13.80
N LEU B 264 -3.87 25.87 -14.19
CA LEU B 264 -5.18 26.19 -13.63
C LEU B 264 -6.25 25.23 -14.14
N ILE B 265 -6.29 25.02 -15.45
CA ILE B 265 -7.33 24.18 -16.05
C ILE B 265 -7.14 22.72 -15.67
N ALA B 266 -5.89 22.25 -15.65
CA ALA B 266 -5.65 20.83 -15.41
C ALA B 266 -5.57 20.48 -13.94
N GLY B 267 -5.08 21.41 -13.11
CA GLY B 267 -4.85 21.10 -11.71
C GLY B 267 -5.95 21.43 -10.72
N HIS B 268 -6.75 22.47 -10.98
CA HIS B 268 -7.67 22.95 -9.95
C HIS B 268 -8.80 21.96 -9.67
N GLU B 269 -9.37 21.36 -10.72
CA GLU B 269 -10.62 20.63 -10.55
C GLU B 269 -10.39 19.21 -10.06
N VAL B 270 -9.38 18.54 -10.59
CA VAL B 270 -9.01 17.21 -10.11
C VAL B 270 -8.67 17.27 -8.63
N THR B 271 -8.01 18.33 -8.20
CA THR B 271 -7.56 18.44 -6.82
C THR B 271 -8.71 18.79 -5.88
N SER B 272 -9.58 19.72 -6.28
CA SER B 272 -10.74 20.00 -5.44
C SER B 272 -11.68 18.81 -5.39
N GLY B 273 -11.82 18.10 -6.50
CA GLY B 273 -12.61 16.88 -6.50
C GLY B 273 -12.08 15.84 -5.55
N LEU B 274 -10.76 15.66 -5.52
CA LEU B 274 -10.16 14.70 -4.59
C LEU B 274 -10.47 15.05 -3.15
N LEU B 275 -10.26 16.32 -2.78
CA LEU B 275 -10.56 16.74 -1.41
C LEU B 275 -12.03 16.52 -1.07
N SER B 276 -12.92 16.83 -2.01
CA SER B 276 -14.35 16.65 -1.75
C SER B 276 -14.71 15.17 -1.62
N PHE B 277 -14.17 14.32 -2.50
CA PHE B 277 -14.40 12.89 -2.37
C PHE B 277 -13.82 12.35 -1.07
N ALA B 278 -12.64 12.83 -0.68
CA ALA B 278 -12.03 12.35 0.55
C ALA B 278 -12.86 12.68 1.77
N LEU B 279 -13.35 13.92 1.86
CA LEU B 279 -14.20 14.28 2.99
C LEU B 279 -15.52 13.52 2.94
N TYR B 280 -16.06 13.29 1.75
CA TYR B 280 -17.24 12.45 1.60
C TYR B 280 -17.01 11.06 2.20
N PHE B 281 -15.92 10.41 1.79
CA PHE B 281 -15.68 9.06 2.30
C PHE B 281 -15.39 9.07 3.79
N LEU B 282 -14.77 10.13 4.30
CA LEU B 282 -14.50 10.22 5.73
C LEU B 282 -15.79 10.29 6.54
N VAL B 283 -16.74 11.15 6.13
CA VAL B 283 -17.96 11.27 6.91
C VAL B 283 -18.87 10.07 6.72
N LYS B 284 -18.70 9.30 5.65
CA LYS B 284 -19.44 8.06 5.49
C LYS B 284 -18.79 6.88 6.21
N ASN B 285 -17.57 7.03 6.71
CA ASN B 285 -16.84 5.94 7.36
C ASN B 285 -16.20 6.46 8.64
N PRO B 286 -16.98 6.60 9.71
CA PRO B 286 -16.49 7.28 10.92
C PRO B 286 -15.26 6.65 11.55
N HIS B 287 -15.08 5.33 11.42
CA HIS B 287 -13.86 4.71 11.95
C HIS B 287 -12.64 5.23 11.23
N VAL B 288 -12.73 5.40 9.91
CA VAL B 288 -11.62 5.97 9.15
C VAL B 288 -11.40 7.43 9.55
N LEU B 289 -12.49 8.18 9.68
CA LEU B 289 -12.40 9.58 10.10
C LEU B 289 -11.67 9.70 11.43
N GLN B 290 -12.01 8.85 12.40
CA GLN B 290 -11.38 8.92 13.71
C GLN B 290 -9.89 8.64 13.63
N LYS B 291 -9.50 7.64 12.84
CA LYS B 291 -8.09 7.31 12.68
C LYS B 291 -7.33 8.46 12.01
N ALA B 292 -7.92 9.05 10.98
CA ALA B 292 -7.26 10.17 10.30
C ALA B 292 -7.18 11.40 11.20
N ALA B 293 -8.24 11.70 11.95
CA ALA B 293 -8.22 12.85 12.84
C ALA B 293 -7.21 12.67 13.97
N GLU B 294 -7.02 11.44 14.46
CA GLU B 294 -6.03 11.20 15.50
C GLU B 294 -4.63 11.57 15.00
N GLU B 295 -4.31 11.14 13.78
CA GLU B 295 -3.01 11.44 13.21
C GLU B 295 -2.81 12.94 13.04
N ALA B 296 -3.82 13.63 12.52
CA ALA B 296 -3.71 15.08 12.31
C ALA B 296 -3.47 15.80 13.63
N ALA B 297 -4.15 15.39 14.69
CA ALA B 297 -3.94 16.01 15.99
C ALA B 297 -2.56 15.70 16.54
N ARG B 298 -2.08 14.48 16.32
CA ARG B 298 -0.77 14.09 16.85
C ARG B 298 0.37 14.73 16.07
N VAL B 299 0.21 14.91 14.77
CA VAL B 299 1.29 15.37 13.92
C VAL B 299 1.34 16.88 13.82
N LEU B 300 0.17 17.53 13.68
CA LEU B 300 0.12 18.97 13.44
C LEU B 300 0.07 19.72 14.77
N VAL B 301 1.23 19.76 15.44
CA VAL B 301 1.32 20.28 16.79
C VAL B 301 1.55 21.78 16.87
N ASP B 302 1.80 22.44 15.74
CA ASP B 302 2.05 23.86 15.70
C ASP B 302 0.85 24.59 15.10
N PRO B 303 0.68 25.88 15.40
CA PRO B 303 -0.46 26.62 14.82
C PRO B 303 -0.47 26.61 13.31
N VAL B 304 0.70 26.53 12.68
CA VAL B 304 0.83 26.47 11.23
C VAL B 304 1.58 25.18 10.89
N PRO B 305 1.06 24.33 10.02
CA PRO B 305 1.78 23.11 9.67
C PRO B 305 3.07 23.43 8.91
N SER B 306 4.11 22.65 9.18
CA SER B 306 5.36 22.75 8.45
C SER B 306 5.37 21.76 7.29
N TYR B 307 6.33 21.95 6.38
CA TYR B 307 6.48 21.02 5.27
C TYR B 307 6.75 19.61 5.78
N LYS B 308 7.65 19.48 6.76
CA LYS B 308 8.01 18.16 7.28
C LYS B 308 6.83 17.48 7.96
N GLN B 309 5.97 18.26 8.62
CA GLN B 309 4.82 17.66 9.30
C GLN B 309 3.84 17.05 8.30
N VAL B 310 3.64 17.71 7.15
CA VAL B 310 2.72 17.18 6.15
C VAL B 310 3.18 15.82 5.66
N LYS B 311 4.49 15.63 5.48
CA LYS B 311 5.01 14.34 5.05
C LYS B 311 4.75 13.25 6.08
N GLN B 312 4.59 13.63 7.35
CA GLN B 312 4.32 12.64 8.40
C GLN B 312 2.86 12.21 8.44
N LEU B 313 1.98 12.87 7.69
CA LEU B 313 0.55 12.53 7.69
C LEU B 313 0.32 11.31 6.79
N LYS B 314 0.81 10.17 7.27
CA LYS B 314 0.79 8.95 6.46
C LYS B 314 -0.63 8.47 6.18
N TYR B 315 -1.45 8.35 7.24
CA TYR B 315 -2.81 7.83 7.06
C TYR B 315 -3.68 8.80 6.25
N VAL B 316 -3.47 10.11 6.40
CA VAL B 316 -4.17 11.05 5.54
C VAL B 316 -3.84 10.78 4.08
N GLY B 317 -2.57 10.49 3.79
CA GLY B 317 -2.19 10.13 2.43
C GLY B 317 -2.86 8.85 1.97
N MET B 318 -3.03 7.89 2.88
CA MET B 318 -3.73 6.65 2.53
C MET B 318 -5.19 6.93 2.23
N VAL B 319 -5.81 7.82 3.01
CA VAL B 319 -7.19 8.23 2.74
C VAL B 319 -7.30 8.82 1.33
N LEU B 320 -6.38 9.72 0.98
CA LEU B 320 -6.42 10.37 -0.32
C LEU B 320 -6.22 9.37 -1.45
N ASN B 321 -5.29 8.41 -1.28
CA ASN B 321 -5.07 7.42 -2.33
C ASN B 321 -6.29 6.53 -2.52
N GLU B 322 -6.94 6.10 -1.43
CA GLU B 322 -8.12 5.27 -1.57
C GLU B 322 -9.28 6.06 -2.18
N ALA B 323 -9.36 7.36 -1.89
CA ALA B 323 -10.34 8.20 -2.57
C ALA B 323 -10.05 8.28 -4.06
N LEU B 324 -8.77 8.40 -4.43
CA LEU B 324 -8.40 8.39 -5.85
C LEU B 324 -8.63 7.03 -6.48
N ARG B 325 -8.55 5.95 -5.71
CA ARG B 325 -8.86 4.64 -6.26
C ARG B 325 -10.32 4.57 -6.69
N LEU B 326 -11.23 4.88 -5.78
CA LEU B 326 -12.65 4.76 -6.10
C LEU B 326 -13.09 5.78 -7.14
N TRP B 327 -12.66 7.03 -7.02
CA TRP B 327 -13.12 8.09 -7.92
C TRP B 327 -11.94 8.93 -8.39
N PRO B 328 -11.13 8.39 -9.29
CA PRO B 328 -10.03 9.17 -9.89
C PRO B 328 -10.60 10.34 -10.65
N THR B 329 -10.25 11.55 -10.21
CA THR B 329 -10.98 12.73 -10.65
C THR B 329 -10.66 13.13 -12.08
N ALA B 330 -9.50 12.70 -12.62
CA ALA B 330 -9.28 12.73 -14.06
C ALA B 330 -9.57 11.32 -14.55
N PRO B 331 -10.74 11.05 -15.13
CA PRO B 331 -11.22 9.66 -15.21
C PRO B 331 -10.64 8.83 -16.34
N ALA B 332 -9.88 9.40 -17.27
CA ALA B 332 -9.40 8.61 -18.38
C ALA B 332 -8.18 9.27 -19.00
N PHE B 333 -7.43 8.48 -19.75
CA PHE B 333 -6.41 9.03 -20.63
C PHE B 333 -6.32 8.16 -21.88
N SER B 334 -5.76 8.73 -22.93
CA SER B 334 -5.83 8.16 -24.26
C SER B 334 -4.44 7.84 -24.78
N LEU B 335 -4.36 6.78 -25.59
CA LEU B 335 -3.11 6.28 -26.13
C LEU B 335 -3.30 5.90 -27.59
N TYR B 336 -2.20 5.85 -28.33
CA TYR B 336 -2.23 5.34 -29.70
C TYR B 336 -1.07 4.38 -29.90
N ALA B 337 -1.28 3.41 -30.79
CA ALA B 337 -0.26 2.42 -31.08
C ALA B 337 0.82 3.03 -31.96
N LYS B 338 2.07 2.97 -31.51
CA LYS B 338 3.17 3.53 -32.30
C LYS B 338 3.40 2.72 -33.57
N GLU B 339 3.15 1.41 -33.53
CA GLU B 339 3.22 0.53 -34.70
C GLU B 339 2.14 -0.53 -34.56
N ASP B 340 1.98 -1.34 -35.61
CA ASP B 340 1.12 -2.51 -35.51
C ASP B 340 1.54 -3.37 -34.33
N THR B 341 0.56 -3.83 -33.56
CA THR B 341 0.85 -4.63 -32.38
C THR B 341 -0.40 -5.38 -31.97
N VAL B 342 -0.21 -6.41 -31.14
CA VAL B 342 -1.30 -7.26 -30.67
C VAL B 342 -1.46 -7.03 -29.18
N LEU B 343 -2.67 -6.64 -28.77
CA LEU B 343 -2.97 -6.33 -27.38
C LEU B 343 -3.54 -7.58 -26.70
N GLY B 344 -2.89 -8.01 -25.63
CA GLY B 344 -3.40 -9.14 -24.87
C GLY B 344 -3.40 -10.46 -25.61
N GLY B 345 -2.63 -10.56 -26.70
CA GLY B 345 -2.58 -11.79 -27.47
C GLY B 345 -3.80 -12.11 -28.29
N GLU B 346 -4.78 -11.20 -28.39
CA GLU B 346 -5.97 -11.52 -29.15
C GLU B 346 -6.59 -10.33 -29.88
N TYR B 347 -6.15 -9.11 -29.59
CA TYR B 347 -6.71 -7.92 -30.23
C TYR B 347 -5.64 -7.26 -31.09
N PRO B 348 -5.57 -7.57 -32.38
CA PRO B 348 -4.56 -6.94 -33.24
C PRO B 348 -4.90 -5.47 -33.47
N LEU B 349 -3.89 -4.62 -33.27
CA LEU B 349 -4.04 -3.19 -33.44
C LEU B 349 -3.12 -2.72 -34.55
N GLU B 350 -3.61 -1.79 -35.36
CA GLU B 350 -2.83 -1.18 -36.42
C GLU B 350 -2.19 0.11 -35.92
N LYS B 351 -1.10 0.51 -36.59
CA LYS B 351 -0.43 1.76 -36.26
C LYS B 351 -1.44 2.90 -36.23
N GLY B 352 -1.40 3.68 -35.15
CA GLY B 352 -2.28 4.80 -34.98
C GLY B 352 -3.60 4.49 -34.30
N ASP B 353 -3.95 3.21 -34.14
CA ASP B 353 -5.18 2.86 -33.44
C ASP B 353 -5.16 3.41 -32.02
N GLU B 354 -6.33 3.87 -31.57
CA GLU B 354 -6.48 4.58 -30.32
C GLU B 354 -7.06 3.71 -29.22
N LEU B 355 -6.64 3.97 -27.98
CA LEU B 355 -7.15 3.31 -26.80
C LEU B 355 -7.53 4.35 -25.76
N MET B 356 -8.57 4.07 -24.98
CA MET B 356 -8.92 4.85 -23.81
C MET B 356 -8.74 3.98 -22.57
N VAL B 357 -8.08 4.52 -21.55
CA VAL B 357 -7.92 3.83 -20.27
C VAL B 357 -8.99 4.37 -19.34
N LEU B 358 -9.95 3.53 -18.97
CA LEU B 358 -11.08 3.93 -18.11
C LEU B 358 -10.65 3.70 -16.66
N ILE B 359 -10.10 4.75 -16.05
CA ILE B 359 -9.41 4.58 -14.76
C ILE B 359 -10.32 4.05 -13.65
N PRO B 360 -11.54 4.55 -13.46
CA PRO B 360 -12.36 4.00 -12.37
C PRO B 360 -12.61 2.51 -12.48
N GLN B 361 -12.64 1.97 -13.70
CA GLN B 361 -12.84 0.53 -13.88
C GLN B 361 -11.55 -0.23 -13.57
N LEU B 362 -10.40 0.28 -14.03
CA LEU B 362 -9.12 -0.30 -13.64
C LEU B 362 -9.03 -0.45 -12.13
N HIS B 363 -9.42 0.58 -11.40
CA HIS B 363 -9.35 0.59 -9.95
C HIS B 363 -10.40 -0.30 -9.30
N ARG B 364 -11.27 -0.92 -10.11
CA ARG B 364 -12.26 -1.88 -9.62
C ARG B 364 -12.00 -3.28 -10.17
N ASP B 365 -10.81 -3.53 -10.72
CA ASP B 365 -10.45 -4.84 -11.28
C ASP B 365 -10.27 -5.81 -10.12
N LYS B 366 -11.25 -6.70 -9.93
CA LYS B 366 -11.22 -7.61 -8.79
C LYS B 366 -10.04 -8.58 -8.85
N THR B 367 -9.49 -8.83 -10.04
CA THR B 367 -8.31 -9.69 -10.13
C THR B 367 -7.09 -9.06 -9.44
N ILE B 368 -7.12 -7.75 -9.21
CA ILE B 368 -6.03 -7.05 -8.51
C ILE B 368 -6.40 -6.75 -7.07
N TRP B 369 -7.59 -6.18 -6.85
CA TRP B 369 -7.94 -5.61 -5.56
C TRP B 369 -8.77 -6.53 -4.66
N GLY B 370 -9.25 -7.66 -5.18
CA GLY B 370 -10.11 -8.53 -4.41
C GLY B 370 -11.57 -8.23 -4.63
N ASP B 371 -12.42 -8.93 -3.87
CA ASP B 371 -13.86 -8.79 -4.07
C ASP B 371 -14.40 -7.48 -3.51
N ASP B 372 -13.75 -6.91 -2.49
CA ASP B 372 -14.26 -5.72 -1.82
C ASP B 372 -13.91 -4.40 -2.53
N VAL B 373 -13.96 -4.36 -3.86
CA VAL B 373 -13.48 -3.18 -4.59
C VAL B 373 -14.31 -1.94 -4.28
N GLU B 374 -15.59 -2.10 -3.95
CA GLU B 374 -16.42 -0.93 -3.74
C GLU B 374 -16.29 -0.35 -2.33
N GLU B 375 -15.59 -1.02 -1.44
CA GLU B 375 -15.46 -0.55 -0.07
C GLU B 375 -14.33 0.47 0.06
N PHE B 376 -14.53 1.48 0.91
CA PHE B 376 -13.53 2.51 1.16
C PHE B 376 -12.67 2.02 2.32
N ARG B 377 -11.45 1.58 2.01
CA ARG B 377 -10.54 1.02 3.01
C ARG B 377 -9.15 1.58 2.78
N PRO B 378 -8.82 2.70 3.42
CA PRO B 378 -7.47 3.27 3.26
C PRO B 378 -6.37 2.30 3.62
N GLU B 379 -6.65 1.32 4.47
CA GLU B 379 -5.65 0.34 4.87
C GLU B 379 -5.11 -0.46 3.69
N ARG B 380 -5.80 -0.44 2.53
CA ARG B 380 -5.25 -1.07 1.34
C ARG B 380 -3.90 -0.47 0.96
N PHE B 381 -3.71 0.80 1.29
CA PHE B 381 -2.53 1.56 0.93
C PHE B 381 -1.56 1.69 2.11
N GLU B 382 -1.75 0.88 3.14
CA GLU B 382 -0.92 0.99 4.35
C GLU B 382 0.54 0.70 4.04
N ASN B 383 0.80 -0.25 3.15
CA ASN B 383 2.16 -0.56 2.74
C ASN B 383 2.15 -0.47 1.22
N PRO B 384 2.74 0.58 0.65
CA PRO B 384 2.66 0.81 -0.80
C PRO B 384 3.27 -0.29 -1.64
N SER B 385 4.08 -1.16 -1.03
CA SER B 385 4.72 -2.26 -1.75
C SER B 385 3.73 -3.28 -2.27
N ALA B 386 2.53 -3.36 -1.69
CA ALA B 386 1.57 -4.38 -2.08
C ALA B 386 0.82 -4.08 -3.38
N ILE B 387 0.98 -2.90 -3.97
CA ILE B 387 0.19 -2.49 -5.13
C ILE B 387 0.90 -2.96 -6.39
N PRO B 388 0.27 -3.77 -7.22
CA PRO B 388 0.91 -4.25 -8.45
C PRO B 388 1.15 -3.14 -9.45
N GLN B 389 2.09 -3.39 -10.37
CA GLN B 389 2.42 -2.40 -11.38
C GLN B 389 1.20 -2.12 -12.27
N HIS B 390 0.91 -0.84 -12.46
CA HIS B 390 -0.16 -0.34 -13.34
C HIS B 390 -1.56 -0.74 -12.89
N ALA B 391 -1.73 -1.08 -11.61
CA ALA B 391 -3.07 -1.32 -11.07
C ALA B 391 -3.73 -0.04 -10.58
N PHE B 392 -2.94 0.98 -10.30
CA PHE B 392 -3.38 2.22 -9.66
C PHE B 392 -2.79 3.36 -10.46
N LYS B 393 -3.61 4.04 -11.26
CA LYS B 393 -3.11 5.03 -12.23
C LYS B 393 -3.89 6.35 -12.20
N PRO B 394 -4.15 6.93 -11.03
CA PRO B 394 -4.90 8.20 -11.00
C PRO B 394 -4.14 9.36 -11.62
N PHE B 395 -2.82 9.25 -11.77
CA PHE B 395 -2.00 10.32 -12.32
C PHE B 395 -1.45 9.99 -13.70
N GLY B 396 -2.05 9.03 -14.39
CA GLY B 396 -1.60 8.73 -15.74
C GLY B 396 -0.38 7.83 -15.76
N ASN B 397 0.36 7.90 -16.86
CA ASN B 397 1.40 6.90 -17.11
C ASN B 397 2.66 7.51 -17.68
N GLY B 398 3.80 7.01 -17.20
CA GLY B 398 5.10 7.21 -17.83
C GLY B 398 5.52 8.66 -17.87
N GLN B 399 6.21 9.02 -18.96
CA GLN B 399 6.70 10.38 -19.11
C GLN B 399 5.56 11.37 -19.32
N ARG B 400 4.37 10.90 -19.70
CA ARG B 400 3.20 11.75 -19.82
C ARG B 400 2.30 11.66 -18.59
N ALA B 401 2.83 11.17 -17.48
CA ALA B 401 2.08 11.19 -16.24
C ALA B 401 1.96 12.62 -15.71
N CYS B 402 1.09 12.79 -14.72
CA CYS B 402 0.84 14.11 -14.14
C CYS B 402 2.12 14.72 -13.58
N ILE B 403 2.52 15.87 -14.14
CA ILE B 403 3.66 16.58 -13.56
C ILE B 403 3.31 17.18 -12.21
N GLY B 404 2.02 17.40 -11.93
CA GLY B 404 1.62 18.05 -10.70
C GLY B 404 1.29 17.09 -9.58
N GLN B 405 1.72 15.84 -9.70
CA GLN B 405 1.32 14.83 -8.72
C GLN B 405 1.79 15.18 -7.31
N GLN B 406 3.06 15.59 -7.17
CA GLN B 406 3.55 15.93 -5.84
C GLN B 406 2.90 17.20 -5.32
N PHE B 407 2.64 18.16 -6.21
CA PHE B 407 1.91 19.38 -5.84
C PHE B 407 0.51 19.03 -5.33
N ALA B 408 -0.22 18.22 -6.11
CA ALA B 408 -1.60 17.88 -5.76
C ALA B 408 -1.67 17.17 -4.41
N LEU B 409 -0.78 16.20 -4.19
CA LEU B 409 -0.84 15.42 -2.96
C LEU B 409 -0.34 16.19 -1.76
N HIS B 410 0.62 17.10 -1.94
CA HIS B 410 1.04 17.96 -0.84
C HIS B 410 -0.07 18.92 -0.45
N GLU B 411 -0.69 19.55 -1.45
CA GLU B 411 -1.84 20.42 -1.23
C GLU B 411 -2.96 19.69 -0.49
N ALA B 412 -3.38 18.53 -1.01
CA ALA B 412 -4.53 17.84 -0.44
C ALA B 412 -4.23 17.29 0.96
N THR B 413 -2.99 16.82 1.18
CA THR B 413 -2.65 16.29 2.49
C THR B 413 -2.60 17.40 3.53
N LEU B 414 -2.02 18.54 3.17
CA LEU B 414 -1.98 19.69 4.06
C LEU B 414 -3.39 20.15 4.43
N VAL B 415 -4.25 20.30 3.43
CA VAL B 415 -5.57 20.88 3.68
C VAL B 415 -6.45 19.90 4.44
N LEU B 416 -6.45 18.63 4.02
CA LEU B 416 -7.25 17.63 4.72
C LEU B 416 -6.76 17.48 6.16
N GLY B 417 -5.44 17.52 6.36
CA GLY B 417 -4.91 17.45 7.71
C GLY B 417 -5.37 18.61 8.58
N MET B 418 -5.32 19.83 8.04
CA MET B 418 -5.78 20.99 8.80
C MET B 418 -7.28 20.90 9.07
N MET B 419 -8.07 20.44 8.09
CA MET B 419 -9.50 20.28 8.31
C MET B 419 -9.78 19.31 9.44
N LEU B 420 -9.07 18.17 9.46
CA LEU B 420 -9.31 17.16 10.48
C LEU B 420 -8.79 17.60 11.84
N LYS B 421 -7.78 18.47 11.86
CA LYS B 421 -7.27 19.00 13.11
C LYS B 421 -8.27 19.96 13.75
N HIS B 422 -8.92 20.80 12.95
CA HIS B 422 -9.65 21.94 13.49
C HIS B 422 -11.16 21.71 13.64
N PHE B 423 -11.73 20.68 13.02
CA PHE B 423 -13.17 20.53 13.03
C PHE B 423 -13.57 19.08 13.19
N ASP B 424 -14.71 18.88 13.86
CA ASP B 424 -15.51 17.67 13.72
C ASP B 424 -16.54 17.91 12.64
N PHE B 425 -16.83 16.89 11.85
CA PHE B 425 -17.70 17.02 10.69
C PHE B 425 -18.96 16.19 10.87
N GLU B 426 -20.10 16.74 10.43
CA GLU B 426 -21.38 16.07 10.49
C GLU B 426 -21.97 15.97 9.09
N ASP B 427 -22.38 14.76 8.72
CA ASP B 427 -23.13 14.52 7.48
C ASP B 427 -24.61 14.74 7.78
N HIS B 428 -24.96 16.02 7.95
CA HIS B 428 -26.25 16.38 8.54
C HIS B 428 -27.43 16.10 7.63
N THR B 429 -27.22 15.98 6.32
CA THR B 429 -28.28 15.66 5.38
C THR B 429 -28.32 14.19 5.01
N ASN B 430 -27.41 13.38 5.52
CA ASN B 430 -27.20 12.01 5.03
C ASN B 430 -27.06 12.05 3.51
N TYR B 431 -26.03 12.74 3.07
CA TYR B 431 -25.87 13.10 1.66
C TYR B 431 -25.77 11.86 0.78
N GLU B 432 -26.54 11.87 -0.31
CA GLU B 432 -26.54 10.78 -1.28
C GLU B 432 -25.59 11.12 -2.41
N LEU B 433 -24.56 10.30 -2.59
CA LEU B 433 -23.50 10.62 -3.54
C LEU B 433 -24.07 10.83 -4.94
N ASP B 434 -23.75 11.99 -5.52
CA ASP B 434 -24.22 12.41 -6.83
C ASP B 434 -23.01 13.02 -7.51
N ILE B 435 -22.47 12.35 -8.51
CA ILE B 435 -21.18 12.70 -9.09
C ILE B 435 -21.40 13.53 -10.35
N LYS B 436 -21.01 14.80 -10.29
CA LYS B 436 -21.09 15.69 -11.44
C LYS B 436 -19.87 15.49 -12.34
N GLU B 437 -20.10 15.54 -13.64
CA GLU B 437 -19.04 15.31 -14.61
C GLU B 437 -18.83 16.57 -15.45
N THR B 438 -17.59 17.02 -15.51
CA THR B 438 -17.16 18.09 -16.39
C THR B 438 -16.01 17.53 -17.21
N LEU B 439 -14.87 18.22 -17.29
CA LEU B 439 -13.66 17.50 -17.65
C LEU B 439 -13.28 16.50 -16.57
N THR B 440 -13.77 16.68 -15.34
CA THR B 440 -13.37 15.91 -14.18
C THR B 440 -14.61 15.42 -13.42
N LEU B 441 -14.37 14.76 -12.29
CA LEU B 441 -15.41 14.19 -11.45
C LEU B 441 -15.41 14.86 -10.08
N LYS B 442 -16.59 15.13 -9.52
CA LYS B 442 -16.69 15.66 -8.18
C LYS B 442 -18.09 15.37 -7.63
N PRO B 443 -18.24 15.34 -6.29
CA PRO B 443 -19.57 15.06 -5.69
C PRO B 443 -20.47 16.29 -5.56
N GLU B 444 -21.43 16.42 -6.47
CA GLU B 444 -22.27 17.62 -6.52
C GLU B 444 -23.23 17.68 -5.33
N GLY B 445 -23.38 18.88 -4.77
CA GLY B 445 -24.30 19.10 -3.67
C GLY B 445 -23.84 18.55 -2.34
N PHE B 446 -22.61 18.09 -2.24
CA PHE B 446 -22.09 17.58 -0.98
C PHE B 446 -21.97 18.71 0.03
N VAL B 447 -22.67 18.58 1.15
CA VAL B 447 -22.68 19.59 2.20
C VAL B 447 -22.44 18.89 3.53
N VAL B 448 -21.78 19.60 4.44
CA VAL B 448 -21.52 19.13 5.80
C VAL B 448 -21.67 20.30 6.76
N LYS B 449 -21.77 19.97 8.04
CA LYS B 449 -21.64 20.93 9.12
C LYS B 449 -20.32 20.68 9.84
N ALA B 450 -19.63 21.75 10.21
CA ALA B 450 -18.36 21.65 10.92
C ALA B 450 -18.49 22.30 12.29
N LYS B 451 -18.15 21.56 13.33
CA LYS B 451 -18.13 22.14 14.68
C LYS B 451 -16.65 22.30 15.03
N SER B 452 -16.26 23.52 15.29
CA SER B 452 -14.85 23.83 15.57
C SER B 452 -14.37 23.11 16.83
N LYS B 453 -13.11 22.69 16.81
CA LYS B 453 -12.43 22.12 17.99
C LYS B 453 -11.76 23.27 18.78
N LYS B 454 -11.88 24.51 18.29
CA LYS B 454 -11.41 25.76 18.94
C LYS B 454 -9.90 25.75 19.15
N ILE B 455 -9.18 25.23 18.16
CA ILE B 455 -7.70 25.20 18.23
C ILE B 455 -7.20 26.41 17.45
N PRO B 456 -6.42 27.32 18.05
CA PRO B 456 -5.96 28.52 17.37
C PRO B 456 -4.98 28.23 16.23
N LEU B 457 -4.92 29.17 15.27
CA LEU B 457 -4.02 29.10 14.09
C LEU B 457 -2.81 30.02 14.31
C24 LXO C 1 13.98 -11.20 18.68
C26 LXO C 1 12.60 -12.36 17.08
C25 LXO C 1 14.08 -12.05 17.40
C27 LXO C 1 12.30 -13.28 15.82
C29 LXO C 1 12.14 -13.03 13.29
C30 LXO C 1 12.17 -12.18 12.17
C31 LXO C 1 11.62 -12.64 11.00
C33 LXO C 1 11.03 -14.67 11.98
C34 LXO C 1 11.56 -14.30 13.20
N28 LXO C 1 12.72 -12.58 14.57
N32 LXO C 1 11.07 -13.84 10.94
O35 LXO C 1 14.02 -10.03 18.63
N PHE C 2 13.79 -11.89 19.97
CA PHE C 2 13.60 -11.16 21.21
C PHE C 2 14.75 -10.24 21.67
N PHE C 3 16.09 -10.42 21.18
CA PHE C 3 17.17 -9.55 21.64
C PHE C 3 18.27 -9.63 20.64
C24 LXO D 1 -11.40 12.00 -21.04
C26 LXO D 1 -10.42 12.96 -19.07
C25 LXO D 1 -10.82 13.32 -20.53
C27 LXO D 1 -9.79 14.14 -18.19
C29 LXO D 1 -7.56 15.28 -17.86
C30 LXO D 1 -6.19 15.28 -18.14
C31 LXO D 1 -5.38 15.98 -17.27
C33 LXO D 1 -7.18 16.62 -15.94
C34 LXO D 1 -8.07 15.96 -16.75
N28 LXO D 1 -8.48 14.54 -18.76
N32 LXO D 1 -5.88 16.61 -16.22
O35 LXO D 1 -10.75 11.26 -21.67
N PHE D 2 -12.79 11.68 -20.67
CA PHE D 2 -13.45 10.43 -21.02
C PHE D 2 -13.51 10.07 -22.52
N PHE D 3 -13.37 11.06 -23.54
CA PHE D 3 -13.47 10.67 -24.95
C PHE D 3 -12.82 11.73 -25.77
CHA HEM E . 10.17 -10.44 7.89
CHB HEM E . 6.84 -12.41 10.80
CHC HEM E . 5.87 -15.78 7.46
CHD HEM E . 9.73 -14.28 4.94
C1A HEM E . 9.33 -10.65 8.95
C2A HEM E . 9.20 -9.80 10.12
C3A HEM E . 8.28 -10.35 10.92
C4A HEM E . 7.80 -11.55 10.30
CMA HEM E . 7.80 -9.80 12.28
CAA HEM E . 9.99 -8.50 10.38
CBA HEM E . 11.28 -8.91 11.10
CGA HEM E . 12.07 -7.72 11.54
O1A HEM E . 13.21 -7.93 12.07
O2A HEM E . 11.61 -6.55 11.39
C1B HEM E . 6.26 -13.46 10.14
C2B HEM E . 5.12 -14.22 10.60
C3B HEM E . 4.85 -15.16 9.68
C4B HEM E . 5.80 -15.01 8.60
CMB HEM E . 4.41 -13.93 11.94
CAB HEM E . 3.73 -16.24 9.67
CBB HEM E . 2.67 -16.24 10.47
C1C HEM E . 6.85 -15.69 6.49
C2C HEM E . 6.98 -16.55 5.33
C3C HEM E . 8.05 -16.13 4.63
C4C HEM E . 8.62 -15.00 5.33
CMC HEM E . 6.02 -17.72 5.01
CAC HEM E . 8.65 -16.67 3.30
CBC HEM E . 8.11 -17.62 2.54
C1D HEM E . 10.17 -13.10 5.49
C2D HEM E . 11.23 -12.25 4.99
C3D HEM E . 11.35 -11.20 5.80
C4D HEM E . 10.37 -11.33 6.85
CMD HEM E . 12.06 -12.54 3.73
CAD HEM E . 12.33 -10.01 5.66
CBD HEM E . 11.69 -8.99 4.72
CGD HEM E . 12.58 -7.80 4.51
O1D HEM E . 12.77 -7.40 3.33
O2D HEM E . 13.10 -7.24 5.51
NA HEM E . 8.46 -11.72 9.10
NB HEM E . 6.65 -13.97 8.92
NC HEM E . 7.87 -14.77 6.46
ND HEM E . 9.67 -12.49 6.64
FE HEM E . 8.16 -13.24 7.77
CHA HEM F . -1.38 15.27 -16.53
CHB HEM F . -4.38 13.67 -13.08
CHC HEM F . -3.27 17.47 -10.28
CHD HEM F . -0.93 19.40 -14.03
C1A HEM F . -2.27 14.48 -15.83
C2A HEM F . -2.77 13.19 -16.24
C3A HEM F . -3.60 12.75 -15.28
C4A HEM F . -3.65 13.75 -14.23
CMA HEM F . -4.39 11.42 -15.27
CAA HEM F . -2.42 12.45 -17.55
CBA HEM F . -3.39 12.96 -18.62
CGA HEM F . -3.23 12.23 -19.93
O1A HEM F . -3.91 12.62 -20.90
O2A HEM F . -2.45 11.25 -20.00
C1B HEM F . -4.33 14.52 -12.00
C2B HEM F . -4.96 14.33 -10.72
C3B HEM F . -4.66 15.38 -9.94
C4B HEM F . -3.81 16.26 -10.71
CMB HEM F . -5.84 13.10 -10.39
CAB HEM F . -5.08 15.70 -8.48
CBB HEM F . -5.60 14.82 -7.63
C1C HEM F . -2.55 18.33 -11.05
C2C HEM F . -2.03 19.62 -10.62
C3C HEM F . -1.38 20.17 -11.67
C4C HEM F . -1.46 19.23 -12.77
CMC HEM F . -2.26 20.19 -9.20
CAC HEM F . -0.65 21.53 -11.79
CBC HEM F . -0.40 22.36 -10.77
C1D HEM F . -0.80 18.44 -15.02
C2D HEM F . -0.04 18.56 -16.24
C3D HEM F . -0.17 17.43 -16.93
C4D HEM F . -1.01 16.54 -16.17
CMD HEM F . 0.76 19.81 -16.67
CAD HEM F . 0.46 17.07 -18.29
CBD HEM F . 1.85 16.48 -18.05
CGD HEM F . 2.51 16.13 -19.36
O1D HEM F . 3.70 16.48 -19.55
O2D HEM F . 1.84 15.49 -20.21
NA HEM F . -2.82 14.80 -14.61
NB HEM F . -3.63 15.71 -11.96
NC HEM F . -2.19 18.13 -12.36
ND HEM F . -1.38 17.19 -15.00
FE HEM F . -2.48 16.45 -13.46
#